data_7BUE
#
_entry.id   7BUE
#
_cell.length_a   1.00
_cell.length_b   1.00
_cell.length_c   1.00
_cell.angle_alpha   90.00
_cell.angle_beta   90.00
_cell.angle_gamma   90.00
#
_symmetry.space_group_name_H-M   'P 1'
#
loop_
_entity.id
_entity.type
_entity.pdbx_description
1 polymer 'SIgN-3C Fab heavy chain'
2 polymer 'SIgN-3C Fab light chain'
3 polymer 'Dengue serotype 2 E protein ectodomain'
#
loop_
_entity_poly.entity_id
_entity_poly.type
_entity_poly.pdbx_seq_one_letter_code
_entity_poly.pdbx_strand_id
1 'polypeptide(L)'
;EVQLVQSGPDVEKPGASVKVSCKASGYTFTSNYIHWVRQAPGQGLEWMGVINPRGGSTASAQKFQGRITMTRDTSTSTVY
MELSSLRSDDTAVYYCARGGRALFYDSYTTPRDGGSWWFDPWGQGSLVTVSS
;
G,H,J
2 'polypeptide(L)'
;DIQLTQSPSSLSASVGDRVTFTCQASQDIRKYLNWYQQKPGKAPKLLIYDASNLKTGVPSRFSGSGSGTDFTFTISSLQP
EDVATYYCQQFDDLPITFGQGTRLQIK
;
I,L,K
3 'polypeptide(L)'
;MRCIGISNRDFVEGVSGGSWVDIVLEHGSCVTTMAKNKPTLDFELIKTEAKHPATLRKYCVEAKLTNTTTASRCPTQGEP
SLNEEQDKRFVCKHSMVDRGWGNGCGLFGKGGIVTCAMFTCKKNMEGKVVQPENLEYTIVITPHSGEENAVGNDTGKHGK
EIKVTPQSSITEAELTGYGTVTMECSPRTGLDFNEMVLLQMENKAWLVHRQWFLDLPLPWLPGADTQGSNWIQKETLVTF
KNPHAKKQDVVVLGSQEGAMHTALTGATEIQMSSGNLLFTGHLKCRLRMDKLQLKGMSYSMCTGKFKVVKEIAETQHGTI
VIRVQYEGDGSPCKIPFEIMDLEKRHVLGRLITVNPIVTEKDSPVNIEAEPPFGDSYIIIGVEPGQLKLSWFKK
;
B,A,C
#
# COMPACT_ATOMS: atom_id res chain seq x y z
CA GLU A 1 5.35 -8.49 45.36
CA VAL A 2 2.97 -6.87 42.87
CA GLN A 3 5.60 -5.42 40.55
CA LEU A 4 6.63 -5.08 36.92
CA VAL A 5 10.32 -5.06 36.04
CA GLN A 6 11.68 -2.77 33.32
CA SER A 7 14.96 -1.40 32.03
CA GLY A 8 16.72 1.66 33.39
CA PRO A 9 18.66 4.75 32.26
CA ASP A 10 20.08 4.02 28.82
CA VAL A 11 21.74 6.33 26.31
CA GLU A 12 20.08 5.69 22.95
CA LYS A 13 20.39 7.03 19.47
CA PRO A 14 17.73 8.80 17.41
CA GLY A 15 16.21 6.70 14.67
CA ALA A 16 16.95 3.53 16.64
CA SER A 17 14.86 1.22 18.81
CA VAL A 18 15.02 0.45 22.52
CA LYS A 19 13.50 -2.52 24.38
CA VAL A 20 11.90 -2.17 27.80
CA SER A 21 11.03 -5.31 29.72
CA CYS A 22 7.92 -5.58 31.88
CA LYS A 23 8.30 -8.64 34.06
CA ALA A 24 5.40 -9.75 36.21
CA SER A 25 5.44 -10.49 39.90
CA GLY A 26 2.76 -10.57 42.56
CA TYR A 27 -0.10 -11.40 40.20
CA THR A 28 -1.15 -13.81 37.45
CA PHE A 29 0.35 -12.58 34.18
CA THR A 30 -2.37 -13.63 31.70
CA SER A 31 -5.10 -12.53 34.11
CA ASN A 32 -4.31 -8.90 33.32
CA TYR A 33 -3.31 -6.52 30.52
CA ILE A 34 -0.13 -4.46 30.27
CA HIS A 35 -0.83 -0.89 29.26
CA TRP A 36 2.39 1.00 28.49
CA VAL A 37 2.53 4.69 29.39
CA ARG A 38 5.50 6.96 28.88
CA GLN A 39 6.37 10.21 30.56
CA ALA A 40 8.65 12.69 28.87
CA PRO A 41 10.66 14.46 31.61
CA GLY A 42 8.98 17.77 30.73
CA GLN A 43 5.57 16.07 30.68
CA GLY A 44 3.13 14.18 32.84
CA LEU A 45 2.17 10.62 32.00
CA GLU A 46 1.50 9.75 28.39
CA TRP A 47 -0.19 6.61 27.14
CA MET A 48 1.67 4.45 24.64
CA GLY A 49 -0.36 1.28 24.22
CA VAL A 50 -1.25 -2.10 25.69
CA ILE A 51 -0.51 -5.76 25.18
CA ASN A 52 -2.61 -8.52 26.54
CA PRO A 53 -0.48 -11.09 28.34
CA ARG A 54 -3.54 -13.27 27.88
CA GLY A 55 -3.42 -14.77 24.43
CA GLY A 56 -1.45 -12.22 22.49
CA SER A 57 -3.41 -9.13 21.47
CA THR A 58 -1.47 -5.88 21.07
CA ALA A 59 -2.51 -2.27 20.61
CA SER A 60 -0.54 0.95 20.14
CA ALA A 61 -1.21 4.66 19.98
CA GLN A 62 -1.60 6.63 16.78
CA LYS A 63 1.53 8.43 17.99
CA PHE A 64 3.21 5.06 17.50
CA GLN A 65 1.33 3.98 14.40
CA GLY A 66 3.87 1.51 13.10
CA ARG A 67 6.56 3.06 15.31
CA ILE A 68 6.49 0.76 18.34
CA THR A 69 6.59 -2.92 19.22
CA MET A 70 4.86 -4.55 22.19
CA THR A 71 5.72 -8.23 22.16
CA ARG A 72 6.17 -10.38 25.21
CA ASP A 73 7.74 -13.53 26.55
CA THR A 74 4.71 -14.95 28.33
CA SER A 75 6.75 -17.74 29.93
CA THR A 76 9.00 -15.24 31.68
CA SER A 77 5.84 -13.15 32.26
CA THR A 78 7.68 -10.22 30.69
CA VAL A 79 6.45 -7.72 28.09
CA TYR A 80 9.03 -6.29 25.70
CA MET A 81 8.07 -2.89 24.37
CA GLU A 82 10.69 -1.97 21.82
CA LEU A 83 10.18 1.59 20.61
CA SER A 84 11.53 2.04 17.09
CA SER A 85 12.16 5.35 15.29
CA LEU A 86 13.80 6.93 18.32
CA ARG A 87 14.51 10.64 18.72
CA SER A 88 14.96 13.19 21.49
CA ASP A 89 11.17 13.26 21.86
CA ASP A 90 11.37 9.56 22.74
CA THR A 91 13.73 10.42 25.61
CA ALA A 92 11.32 9.61 28.45
CA VAL A 93 10.74 7.56 31.56
CA TYR A 94 8.73 4.54 30.44
CA TYR A 95 6.01 2.77 32.41
CA CYS A 96 3.93 -0.37 32.18
CA ALA A 97 1.35 -2.15 34.25
CA ARG A 98 -1.84 -4.03 34.12
CA GLY A 99 -5.40 -3.75 33.06
CA GLY A 100 -7.22 -5.87 35.56
CA ARG A 101 -10.50 -6.32 33.75
CA ALA A 102 -12.30 -9.49 32.79
CA LEU A 103 -9.97 -9.50 29.96
CA PHE A 104 -10.10 -11.55 27.11
CA TYR A 105 -8.23 -8.97 24.98
CA ASP A 106 -7.09 -5.37 25.22
CA SER A 107 -10.11 -3.45 24.01
CA TYR A 108 -12.34 -2.57 26.98
CA THR A 109 -13.22 0.18 29.39
CA THR A 110 -16.64 -1.54 29.69
CA PRO A 111 -15.77 -3.61 32.85
CA ARG A 112 -16.31 -0.51 34.99
CA ASP A 113 -12.61 0.34 35.22
CA GLY A 114 -9.10 -0.63 35.42
CA GLY A 115 -8.71 -3.48 37.86
CA SER A 116 -5.70 -2.13 39.70
CA TRP A 117 -4.53 -1.35 36.20
CA TRP A 118 -2.07 0.77 38.10
CA PHE A 119 -1.11 3.71 39.78
CA ASP A 120 0.91 1.76 42.27
CA PRO A 121 2.00 -1.39 40.22
CA TRP A 122 3.67 0.49 37.30
CA GLY A 123 6.88 -0.99 36.00
CA GLN A 124 9.68 0.99 37.50
CA GLY A 125 10.27 3.42 34.64
CA SER A 126 12.81 3.09 31.86
CA LEU A 127 14.76 6.33 31.67
CA VAL A 128 15.62 6.27 27.98
CA THR A 129 17.82 9.27 27.16
CA VAL A 130 17.77 9.15 23.36
CA SER A 131 20.98 11.08 22.80
CA SER A 132 24.46 10.74 21.35
CA ASP B 1 -10.42 13.36 24.20
CA ILE B 2 -11.38 13.71 26.88
CA GLN B 3 -10.42 17.23 27.98
CA LEU B 4 -8.94 16.76 31.44
CA THR B 5 -8.14 20.06 33.13
CA GLN B 6 -6.80 19.93 36.68
CA SER B 7 -7.26 23.15 38.63
CA PRO B 8 -4.95 24.33 40.04
CA SER B 9 -1.60 23.12 38.76
CA SER B 10 0.83 23.82 41.63
CA LEU B 11 0.52 25.28 45.11
CA SER B 12 2.55 25.62 48.29
CA ALA B 13 0.15 25.73 51.21
CA SER B 14 0.79 25.64 54.91
CA VAL B 15 0.99 22.34 56.76
CA GLY B 16 -2.55 21.46 57.87
CA ASP B 17 -4.60 23.02 55.08
CA ARG B 18 -7.77 21.63 53.59
CA VAL B 19 -7.19 22.10 49.86
CA THR B 20 -9.64 21.28 47.07
CA PHE B 21 -8.88 20.61 43.39
CA THR B 22 -11.09 20.16 40.35
CA CYS B 23 -10.35 17.88 37.49
CA GLN B 24 -12.81 18.80 34.79
CA ALA B 25 -13.76 16.49 31.95
CA SER B 26 -15.42 17.68 28.77
CA GLN B 27 -17.68 14.61 28.67
CA ASP B 28 -19.45 12.33 31.14
CA ILE B 29 -16.67 10.10 32.48
CA ARG B 30 -19.02 9.28 35.30
CA LYS B 31 -16.48 7.49 37.54
CA TYR B 32 -13.59 7.00 35.11
CA LEU B 33 -11.34 9.50 36.86
CA ASN B 34 -8.71 8.70 39.45
CA TRP B 35 -7.19 11.11 41.99
CA TYR B 36 -3.49 10.69 42.45
CA GLN B 37 -0.34 11.88 44.09
CA GLN B 38 3.13 11.65 42.67
CA LYS B 39 5.42 13.77 44.76
CA PRO B 40 7.87 16.32 43.29
CA GLY B 41 10.99 14.34 42.48
CA LYS B 42 9.29 11.20 43.79
CA ALA B 43 7.03 8.30 43.01
CA PRO B 44 3.32 7.75 42.34
CA LYS B 45 1.21 7.18 45.43
CA LEU B 46 -2.35 5.85 45.11
CA LEU B 47 -5.13 8.02 46.55
CA ILE B 48 -8.55 7.62 44.90
CA TYR B 49 -10.04 5.29 42.34
CA ASP B 50 -13.24 6.32 40.54
CA ALA B 51 -12.90 10.05 41.51
CA SER B 52 -15.18 9.75 44.54
CA ASN B 53 -14.24 6.43 46.12
CA LEU B 54 -11.75 6.22 48.97
CA LYS B 55 -9.08 3.68 48.20
CA THR B 56 -8.20 1.54 51.20
CA GLY B 57 -5.02 2.52 53.00
CA VAL B 58 -5.52 6.16 51.95
CA PRO B 59 -6.03 8.86 54.62
CA SER B 60 -9.45 10.43 55.05
CA ARG B 61 -7.94 13.85 54.59
CA PHE B 62 -8.05 12.83 50.93
CA SER B 63 -11.48 12.57 49.37
CA GLY B 64 -12.84 12.60 45.86
CA SER B 65 -16.13 13.97 44.57
CA GLY B 66 -18.01 14.67 41.38
CA SER B 67 -19.68 12.50 38.75
CA GLY B 68 -20.58 14.26 35.50
CA THR B 69 -17.73 16.49 34.36
CA ASP B 70 -16.34 18.34 37.41
CA PHE B 71 -14.48 16.53 40.14
CA THR B 72 -13.42 17.70 43.56
CA PHE B 73 -10.29 16.63 45.37
CA THR B 74 -9.93 17.41 49.04
CA ILE B 75 -7.13 17.15 51.60
CA SER B 76 -8.17 18.06 55.11
CA SER B 77 -4.57 18.78 56.14
CA LEU B 78 -1.39 19.40 54.18
CA GLN B 79 1.56 17.63 55.82
CA PRO B 80 5.32 17.69 55.24
CA GLU B 81 4.77 14.21 53.83
CA ASP B 82 1.85 15.55 51.74
CA VAL B 83 4.25 17.57 49.59
CA ALA B 84 2.93 15.92 46.45
CA THR B 85 1.86 16.51 42.86
CA TYR B 86 -1.80 15.57 43.02
CA TYR B 87 -2.82 14.22 39.61
CA CYS B 88 -5.98 12.69 38.24
CA GLN B 89 -6.68 10.27 35.42
CA GLN B 90 -9.47 10.18 32.91
CA PHE B 91 -10.11 6.54 32.30
CA ASP B 92 -13.17 6.82 30.07
CA ASP B 93 -13.22 5.05 26.68
CA LEU B 94 -9.37 4.66 26.98
CA PRO B 95 -7.83 7.71 25.46
CA ILE B 96 -6.06 7.44 28.80
CA THR B 97 -5.76 11.05 29.87
CA PHE B 98 -3.87 12.19 32.93
CA GLY B 99 -4.42 15.25 35.06
CA GLN B 100 -1.86 17.99 35.17
CA GLY B 101 -1.09 17.44 38.84
CA THR B 102 -1.06 20.05 41.54
CA ARG B 103 1.93 20.37 43.84
CA LEU B 104 1.97 21.48 47.45
CA GLN B 105 5.10 22.10 49.52
CA ILE B 106 6.63 22.67 52.95
CA LYS B 107 6.98 26.22 54.22
CA MET C 1 33.48 -59.96 -21.18
CA ARG C 2 33.53 -58.40 -17.70
CA CYS C 3 29.87 -59.25 -17.19
CA ILE C 4 29.54 -63.01 -17.19
CA GLY C 5 26.84 -64.22 -14.78
CA ILE C 6 24.57 -61.19 -15.22
CA SER C 7 21.91 -62.90 -17.37
CA ASN C 8 19.39 -61.10 -19.66
CA ARG C 9 22.59 -59.53 -21.00
CA ASP C 10 21.52 -58.29 -24.40
CA PHE C 11 22.96 -60.96 -26.72
CA VAL C 12 23.70 -58.69 -29.68
CA GLU C 13 24.86 -60.91 -32.53
CA GLY C 14 26.46 -60.14 -35.88
CA VAL C 15 28.29 -57.08 -37.15
CA SER C 16 26.93 -56.71 -40.68
CA GLY C 17 25.90 -53.32 -41.98
CA GLY C 18 29.19 -51.43 -41.88
CA SER C 19 29.78 -52.49 -38.25
CA TRP C 20 27.07 -49.94 -37.59
CA VAL C 21 24.71 -50.81 -34.74
CA ASP C 22 22.47 -48.65 -32.56
CA ILE C 23 22.28 -49.99 -29.01
CA VAL C 24 19.80 -49.12 -26.27
CA LEU C 25 21.32 -49.74 -22.85
CA GLU C 26 20.86 -48.64 -19.25
CA HIS C 27 22.74 -48.89 -15.98
CA GLY C 28 21.21 -52.17 -14.87
CA SER C 29 21.56 -53.39 -18.43
CA CYS C 30 24.71 -54.72 -20.06
CA VAL C 31 25.28 -55.71 -23.65
CA THR C 32 27.01 -58.69 -25.22
CA THR C 33 28.13 -57.47 -28.61
CA MET C 34 29.18 -60.42 -30.75
CA ALA C 35 30.74 -59.48 -34.06
CA LYS C 36 31.73 -61.60 -37.06
CA ASN C 37 35.32 -60.46 -36.60
CA LYS C 38 36.95 -57.70 -34.65
CA PRO C 39 36.99 -59.23 -31.24
CA THR C 40 33.67 -58.96 -29.49
CA LEU C 41 33.30 -56.11 -27.04
CA ASP C 42 30.74 -56.11 -24.31
CA PHE C 43 28.96 -52.91 -23.41
CA GLU C 44 27.55 -51.74 -20.10
CA LEU C 45 26.30 -48.36 -18.96
CA ILE C 46 27.20 -47.13 -15.49
CA LYS C 47 26.09 -44.12 -13.57
CA THR C 48 24.75 -40.88 -15.03
CA GLU C 49 25.71 -37.56 -13.49
CA ALA C 50 23.51 -34.52 -14.08
CA LYS C 51 25.68 -31.70 -12.78
CA HIS C 52 23.35 -28.70 -13.08
CA PRO C 53 19.86 -29.15 -11.67
CA ALA C 54 17.57 -26.32 -10.62
CA THR C 55 15.68 -26.40 -7.36
CA LEU C 56 12.00 -26.22 -7.62
CA ARG C 57 10.56 -27.81 -4.49
CA LYS C 58 11.32 -26.64 -1.00
CA TYR C 59 9.02 -28.77 1.18
CA CYS C 60 9.17 -28.99 4.88
CA VAL C 61 8.31 -32.52 5.92
CA GLU C 62 7.20 -31.00 9.21
CA ALA C 63 6.82 -27.66 10.91
CA LYS C 64 5.82 -26.26 14.28
CA LEU C 65 4.48 -23.15 15.98
CA THR C 66 5.58 -20.68 18.59
CA ASN C 67 4.30 -17.48 20.26
CA THR C 68 0.73 -18.61 19.38
CA THR C 69 -1.17 -15.36 19.63
CA THR C 70 -4.92 -15.13 19.40
CA ALA C 71 -7.32 -12.26 20.07
CA SER C 72 -11.05 -11.63 19.88
CA ARG C 73 -12.45 -8.16 19.25
CA CYS C 74 -16.06 -7.52 20.18
CA PRO C 75 -19.35 -9.49 19.98
CA THR C 76 -20.94 -9.45 16.49
CA GLN C 77 -18.82 -6.49 15.35
CA GLY C 78 -15.20 -5.62 14.74
CA GLU C 79 -12.50 -7.96 13.54
CA PRO C 80 -9.39 -8.14 15.73
CA SER C 81 -6.07 -6.61 14.79
CA LEU C 82 -2.81 -8.31 15.66
CA ASN C 83 0.79 -7.64 14.72
CA GLU C 84 1.70 -11.24 13.81
CA GLU C 85 -1.05 -11.00 11.17
CA GLN C 86 1.40 -9.44 8.70
CA ASP C 87 3.70 -12.15 7.35
CA LYS C 88 2.77 -14.99 5.04
CA ARG C 89 5.08 -17.16 7.13
CA PHE C 90 2.87 -16.67 10.22
CA VAL C 91 -0.15 -18.87 10.42
CA CYS C 92 -3.25 -16.72 10.86
CA LYS C 93 -7.01 -17.23 11.05
CA HIS C 94 -10.22 -15.38 11.78
CA SER C 95 -12.80 -17.41 13.58
CA MET C 96 -15.78 -16.20 15.61
CA VAL C 97 -16.02 -17.77 19.04
CA ASP C 98 -18.62 -15.98 21.28
CA ARG C 99 -18.49 -12.92 23.51
CA GLY C 100 -20.60 -11.70 26.35
CA TRP C 101 -20.82 -10.17 29.76
CA GLY C 102 -20.30 -13.73 30.94
CA ASN C 103 -17.42 -13.71 28.48
CA GLY C 104 -16.50 -10.36 30.00
CA CYS C 105 -17.40 -7.69 27.49
CA GLY C 106 -21.11 -7.57 26.76
CA LEU C 107 -24.00 -8.34 24.40
CA PHE C 108 -23.84 -12.22 24.74
CA GLY C 109 -23.25 -12.47 20.99
CA LYS C 110 -20.54 -14.05 18.91
CA GLY C 111 -17.20 -12.26 18.83
CA GLY C 112 -14.83 -12.38 15.90
CA ILE C 113 -11.42 -13.71 16.90
CA VAL C 114 -8.02 -13.88 15.28
CA THR C 115 -5.22 -16.34 15.91
CA CYS C 116 -1.66 -15.82 14.75
CA ALA C 117 1.34 -18.03 15.44
CA MET C 118 5.01 -17.93 14.54
CA PHE C 119 5.32 -20.84 12.15
CA THR C 120 8.70 -22.57 12.20
CA CYS C 121 9.60 -25.43 9.90
CA LYS C 122 11.26 -28.79 10.50
CA LYS C 123 12.93 -31.25 8.10
CA ASN C 124 12.80 -30.63 4.42
CA MET C 125 12.52 -31.96 0.88
CA GLU C 126 14.26 -29.97 -1.80
CA GLY C 127 13.32 -31.31 -5.26
CA LYS C 128 15.35 -30.26 -8.28
CA VAL C 129 14.64 -30.52 -11.99
CA VAL C 130 17.82 -31.58 -13.73
CA GLN C 131 18.64 -30.36 -17.22
CA PRO C 132 18.73 -32.63 -20.25
CA GLU C 133 22.32 -31.37 -20.25
CA ASN C 134 25.31 -31.17 -17.87
CA LEU C 135 24.98 -34.93 -17.60
CA GLU C 136 27.22 -37.82 -18.44
CA TYR C 137 26.94 -41.54 -19.13
CA THR C 138 29.75 -44.05 -18.71
CA ILE C 139 29.76 -47.19 -20.88
CA VAL C 140 32.46 -49.78 -20.57
CA ILE C 141 33.64 -51.52 -23.72
CA THR C 142 34.90 -54.94 -22.77
CA PRO C 143 36.30 -57.41 -25.30
CA HIS C 144 36.79 -61.14 -25.16
CA SER C 145 39.84 -63.46 -25.23
CA GLY C 146 42.71 -62.12 -23.28
CA GLU C 147 45.33 -63.29 -20.82
CA GLU C 148 42.89 -64.13 -18.03
CA ASN C 149 40.31 -61.28 -17.89
CA ALA C 150 38.18 -62.35 -15.05
CA VAL C 151 34.59 -63.01 -16.29
CA GLY C 152 32.94 -60.90 -13.58
CA ASN C 153 34.74 -57.90 -11.98
CA ASP C 154 34.67 -55.13 -14.69
CA THR C 155 37.91 -53.65 -13.24
CA GLY C 156 41.14 -54.11 -15.14
CA LYS C 157 41.94 -52.45 -18.40
CA HIS C 158 40.20 -53.75 -21.43
CA GLY C 159 36.66 -52.59 -20.57
CA LYS C 160 37.23 -48.90 -21.01
CA GLU C 161 34.93 -46.36 -19.36
CA ILE C 162 34.17 -44.43 -22.45
CA LYS C 163 31.67 -41.68 -21.84
CA VAL C 164 28.99 -39.65 -23.54
CA THR C 165 27.39 -36.31 -22.73
CA PRO C 166 24.76 -34.38 -24.77
CA GLN C 167 27.52 -32.13 -26.11
CA SER C 168 29.49 -35.21 -27.14
CA SER C 169 29.73 -37.04 -30.38
CA ILE C 170 31.12 -40.00 -32.39
CA THR C 171 32.87 -41.39 -29.25
CA GLU C 172 36.08 -42.87 -30.58
CA ALA C 173 37.17 -45.63 -28.21
CA GLU C 174 40.52 -47.38 -28.51
CA LEU C 175 42.04 -50.67 -27.41
CA THR C 176 45.24 -52.60 -28.06
CA GLY C 177 45.46 -52.71 -31.82
CA TYR C 178 41.96 -53.51 -33.03
CA GLY C 179 39.97 -51.39 -30.63
CA THR C 180 39.49 -48.27 -32.76
CA VAL C 181 35.70 -47.92 -32.59
CA THR C 182 33.49 -44.88 -33.11
CA MET C 183 30.17 -44.40 -31.31
CA GLU C 184 27.77 -41.52 -31.84
CA CYS C 185 25.69 -42.12 -28.79
CA SER C 186 22.65 -39.86 -28.49
CA PRO C 187 22.06 -38.98 -24.83
CA ARG C 188 19.86 -36.14 -26.06
CA THR C 189 17.50 -38.99 -27.00
CA GLY C 190 17.41 -39.94 -23.31
CA LEU C 191 14.78 -39.45 -20.64
CA ASP C 192 13.66 -35.82 -21.35
CA PHE C 193 14.88 -34.22 -18.17
CA ASN C 194 13.36 -31.36 -16.13
CA GLU C 195 10.25 -33.59 -16.35
CA MET C 196 11.62 -35.97 -13.76
CA VAL C 197 12.23 -33.94 -10.66
CA LEU C 198 14.52 -35.48 -8.07
CA LEU C 199 13.04 -35.02 -4.65
CA GLN C 200 15.94 -34.80 -2.25
CA MET C 201 15.59 -36.02 1.26
CA GLU C 202 18.88 -36.15 3.19
CA ASN C 203 19.77 -39.30 1.30
CA LYS C 204 16.97 -40.43 -0.97
CA ALA C 205 16.31 -38.35 -3.94
CA TRP C 206 13.24 -39.43 -5.83
CA LEU C 207 13.18 -39.68 -9.59
CA VAL C 208 9.61 -38.51 -9.93
CA HIS C 209 7.50 -36.97 -12.63
CA ARG C 210 6.98 -33.26 -12.62
CA GLN C 211 3.30 -32.34 -12.68
CA TRP C 212 1.36 -33.65 -9.68
CA PHE C 213 4.65 -33.78 -7.82
CA LEU C 214 4.76 -29.99 -8.16
CA ASP C 215 1.05 -29.93 -7.32
CA LEU C 216 1.79 -31.93 -4.17
CA PRO C 217 1.02 -30.73 -0.58
CA LEU C 218 3.13 -31.01 2.60
CA PRO C 219 4.36 -27.54 2.79
CA TRP C 220 5.93 -26.09 -0.23
CA LEU C 221 8.22 -23.22 -1.04
CA PRO C 222 9.79 -22.15 -4.36
CA GLY C 223 13.40 -23.06 -4.90
CA ALA C 224 15.66 -20.30 -3.57
CA ASP C 225 14.23 -18.53 -0.51
CA THR C 226 17.36 -18.61 1.71
CA GLN C 227 16.06 -15.87 4.05
CA GLY C 228 12.29 -15.94 4.08
CA SER C 229 10.82 -19.35 4.97
CA ASN C 230 7.86 -18.13 2.95
CA TRP C 231 5.58 -21.15 3.07
CA ILE C 232 2.84 -20.44 0.57
CA GLN C 233 0.93 -23.14 2.40
CA LYS C 234 -0.34 -23.99 5.97
CA GLU C 235 -3.45 -25.23 4.30
CA THR C 236 -1.62 -28.54 4.73
CA LEU C 237 0.11 -28.06 8.06
CA VAL C 238 -1.25 -26.61 11.26
CA THR C 239 -5.04 -26.86 11.37
CA PHE C 240 -6.95 -24.58 13.72
CA LYS C 241 -9.72 -26.40 15.50
CA ASN C 242 -12.64 -24.42 16.86
CA PRO C 243 -13.93 -26.14 19.98
CA HIS C 244 -17.66 -25.83 19.85
CA ALA C 245 -17.97 -22.12 20.65
CA LYS C 246 -14.95 -21.66 22.90
CA LYS C 247 -11.29 -20.89 22.19
CA GLN C 248 -9.75 -22.07 18.91
CA ASP C 249 -6.66 -24.23 18.87
CA VAL C 250 -3.72 -25.46 16.77
CA VAL C 251 -2.84 -28.81 15.18
CA VAL C 252 0.73 -28.86 13.91
CA LEU C 253 0.66 -31.68 11.40
CA GLY C 254 4.00 -33.49 11.61
CA SER C 255 6.50 -35.41 9.55
CA GLN C 256 4.35 -37.54 7.28
CA GLU C 257 7.35 -39.61 6.43
CA GLY C 258 5.88 -43.09 6.07
CA ALA C 259 2.78 -42.15 4.14
CA MET C 260 4.94 -39.53 2.47
CA HIS C 261 6.93 -42.46 1.11
CA THR C 262 3.59 -43.97 0.16
CA ALA C 263 2.75 -40.73 -1.63
CA LEU C 264 6.01 -40.88 -3.58
CA THR C 265 5.56 -44.56 -4.35
CA GLY C 266 5.55 -45.53 -8.02
CA ALA C 267 7.56 -42.47 -9.09
CA THR C 268 10.80 -44.07 -8.12
CA GLU C 269 13.70 -43.34 -5.83
CA ILE C 270 17.19 -42.41 -6.93
CA GLN C 271 20.48 -41.35 -5.42
CA MET C 272 21.85 -37.87 -5.94
CA SER C 273 24.95 -37.28 -3.84
CA SER C 274 27.86 -36.10 -6.01
CA GLY C 275 26.45 -34.03 -8.85
CA ASN C 276 24.00 -36.84 -9.41
CA LEU C 277 24.36 -40.53 -8.75
CA LEU C 278 21.68 -41.07 -11.37
CA PHE C 279 20.88 -44.76 -11.59
CA THR C 280 18.97 -46.91 -14.10
CA GLY C 281 17.91 -45.11 -17.25
CA HIS C 282 18.76 -45.82 -20.84
CA LEU C 283 20.38 -44.27 -23.87
CA LYS C 284 21.02 -45.39 -27.41
CA CYS C 285 24.45 -45.78 -28.98
CA ARG C 286 25.50 -45.39 -32.57
CA LEU C 287 28.18 -47.80 -33.55
CA ARG C 288 30.66 -47.69 -36.39
CA MET C 289 33.32 -50.14 -35.34
CA ASP C 290 34.82 -51.03 -38.51
CA LYS C 291 38.45 -50.10 -37.90
CA LEU C 292 39.49 -53.27 -36.04
CA GLN C 293 41.87 -56.15 -36.30
CA LEU C 294 40.99 -59.57 -34.93
CA LYS C 295 43.35 -58.65 -32.10
CA GLY C 296 46.01 -59.53 -34.61
CA MET C 297 45.51 -61.43 -37.88
CA SER C 298 48.48 -63.64 -38.78
CA TYR C 299 49.27 -66.26 -36.14
CA SER C 300 49.77 -69.99 -35.69
CA MET C 301 47.46 -72.60 -34.27
CA CYS C 302 48.42 -73.81 -30.81
CA THR C 303 50.69 -76.79 -30.43
CA GLY C 304 49.00 -79.22 -28.07
CA LYS C 305 48.58 -80.44 -24.49
CA PHE C 306 45.37 -78.47 -24.13
CA LYS C 307 44.41 -78.10 -20.49
CA VAL C 308 41.38 -76.39 -18.95
CA VAL C 309 40.40 -75.08 -15.54
CA LYS C 310 36.65 -74.29 -15.59
CA GLU C 311 34.08 -77.02 -15.94
CA ILE C 312 31.13 -75.77 -17.97
CA ALA C 313 29.48 -72.78 -16.18
CA GLU C 314 26.85 -71.50 -18.60
CA THR C 315 25.24 -68.06 -18.33
CA GLN C 316 21.91 -67.32 -20.11
CA HIS C 317 20.99 -70.29 -22.36
CA GLY C 318 24.23 -72.17 -22.53
CA THR C 319 27.21 -69.88 -22.66
CA ILE C 320 29.58 -72.46 -21.05
CA VAL C 321 32.82 -70.83 -19.91
CA ILE C 322 35.95 -72.93 -20.11
CA ARG C 323 38.88 -71.19 -18.55
CA VAL C 324 42.16 -72.83 -19.48
CA GLN C 325 45.45 -73.10 -17.80
CA TYR C 326 47.04 -74.24 -21.03
CA GLU C 327 50.38 -75.92 -20.64
CA GLY C 328 52.81 -76.53 -23.46
CA ASP C 329 54.78 -74.84 -26.17
CA GLY C 330 51.69 -73.21 -27.71
CA SER C 331 53.82 -70.32 -29.07
CA PRO C 332 51.71 -67.35 -28.11
CA CYS C 333 49.40 -67.39 -31.10
CA LYS C 334 45.97 -68.86 -31.95
CA ILE C 335 44.31 -71.90 -30.37
CA PRO C 336 42.36 -74.61 -32.24
CA PHE C 337 38.90 -75.51 -31.14
CA GLU C 338 35.99 -77.69 -32.22
CA ILE C 339 32.53 -78.21 -30.84
CA MET C 340 31.95 -81.29 -32.89
CA ASP C 341 29.07 -83.67 -33.31
CA LEU C 342 29.47 -87.44 -33.71
CA GLU C 343 30.77 -89.18 -36.86
CA LYS C 344 29.80 -87.51 -40.14
CA ARG C 345 30.79 -84.36 -38.24
CA HIS C 346 28.03 -81.82 -37.73
CA VAL C 347 30.26 -79.50 -35.67
CA LEU C 348 28.00 -76.83 -34.16
CA GLY C 349 28.70 -74.14 -31.59
CA ARG C 350 29.85 -70.55 -31.14
CA LEU C 351 33.17 -69.55 -29.60
CA ILE C 352 32.76 -66.05 -28.30
CA THR C 353 36.46 -65.96 -27.41
CA VAL C 354 37.51 -64.35 -30.71
CA ASN C 355 41.20 -65.00 -31.41
CA PRO C 356 41.81 -67.49 -28.60
CA ILE C 357 45.52 -66.80 -28.27
CA VAL C 358 48.15 -68.84 -26.47
CA THR C 359 49.72 -66.92 -23.61
CA GLU C 360 53.30 -67.38 -22.29
CA LYS C 361 52.28 -71.00 -21.37
CA ASP C 362 51.18 -69.79 -17.89
CA SER C 363 47.71 -68.25 -17.76
CA PRO C 364 44.15 -69.20 -16.80
CA VAL C 365 42.87 -67.40 -19.88
CA ASN C 366 39.16 -67.87 -20.17
CA ILE C 367 37.04 -69.23 -23.02
CA GLU C 368 33.33 -69.18 -23.60
CA ALA C 369 31.33 -71.13 -26.12
CA GLU C 370 27.67 -71.89 -26.64
CA PRO C 371 26.27 -75.19 -27.97
CA PRO C 372 22.96 -75.46 -29.84
CA PHE C 373 19.85 -76.88 -28.18
CA GLY C 374 20.71 -80.49 -29.02
CA ASP C 375 23.86 -82.57 -28.55
CA SER C 376 27.41 -81.22 -28.34
CA TYR C 377 30.74 -83.06 -28.03
CA ILE C 378 33.41 -80.43 -27.67
CA ILE C 379 37.03 -81.14 -28.53
CA ILE C 380 39.24 -78.18 -27.76
CA GLY C 381 42.39 -80.18 -28.32
CA VAL C 382 43.83 -81.47 -31.56
CA GLU C 383 46.82 -83.75 -31.06
CA PRO C 384 44.98 -86.83 -29.83
CA GLY C 385 42.20 -84.28 -29.56
CA GLN C 386 43.71 -83.16 -26.23
CA LEU C 387 40.39 -82.53 -24.51
CA LYS C 388 36.80 -83.60 -25.15
CA LEU C 389 33.63 -83.08 -23.14
CA SER C 390 30.10 -84.36 -23.52
CA TRP C 391 27.16 -81.96 -23.58
CA PHE C 392 23.44 -81.78 -24.17
CA LYS C 393 21.27 -78.68 -24.39
CA LYS C 394 17.49 -78.93 -24.85
CA MET D 1 -46.37 26.96 19.38
CA ARG D 2 -42.68 27.61 18.62
CA CYS D 3 -43.08 26.13 15.14
CA ILE D 4 -45.46 28.32 13.20
CA GLY D 5 -44.55 28.54 9.51
CA ILE D 6 -43.13 25.01 9.26
CA SER D 7 -46.05 23.46 7.35
CA ASN D 8 -46.85 19.70 7.17
CA ARG D 9 -46.70 20.06 10.95
CA ASP D 10 -48.61 17.03 12.13
CA PHE D 11 -51.98 18.54 13.08
CA VAL D 12 -52.79 16.18 15.94
CA GLU D 13 -56.32 16.97 17.09
CA GLY D 14 -58.32 15.92 20.13
CA VAL D 15 -57.25 14.51 23.48
CA SER D 16 -59.84 11.80 24.10
CA GLY D 17 -58.77 8.40 25.37
CA GLY D 18 -57.28 9.28 28.75
CA SER D 19 -55.11 12.00 27.18
CA TRP D 20 -53.18 9.01 25.90
CA VAL D 21 -51.68 9.43 22.43
CA ASP D 22 -48.79 7.69 20.70
CA ILE D 23 -46.89 10.08 18.42
CA VAL D 24 -44.40 9.26 15.67
CA LEU D 25 -42.04 12.18 15.11
CA GLU D 26 -38.59 12.87 13.69
CA HIS D 27 -36.10 15.72 13.64
CA GLY D 28 -37.41 17.37 10.51
CA SER D 29 -40.90 16.70 11.76
CA CYS D 30 -42.78 18.73 14.36
CA VAL D 31 -46.15 18.05 15.91
CA THR D 32 -49.13 20.28 16.62
CA THR D 33 -50.90 18.62 19.50
CA MET D 34 -54.35 20.15 19.93
CA ALA D 35 -56.22 18.98 23.01
CA LYS D 36 -59.79 19.54 24.12
CA ASN D 37 -58.48 21.25 27.26
CA LYS D 38 -55.12 21.41 28.93
CA PRO D 39 -53.45 23.99 26.79
CA THR D 40 -52.15 22.58 23.57
CA LEU D 41 -48.48 21.68 23.49
CA ASP D 42 -46.54 21.37 20.29
CA PHE D 43 -43.95 18.65 19.94
CA GLU D 44 -40.75 18.58 17.91
CA LEU D 45 -37.82 16.18 17.96
CA ILE D 46 -34.31 17.57 17.72
CA LYS D 47 -30.99 15.86 17.36
CA THR D 48 -30.17 12.30 18.38
CA GLU D 49 -26.83 11.49 19.94
CA ALA D 50 -25.52 7.93 19.84
CA LYS D 51 -22.59 8.07 22.23
CA HIS D 52 -21.08 4.59 21.87
CA PRO D 53 -20.51 3.38 18.32
CA ALA D 54 -18.08 0.66 17.33
CA THR D 55 -15.73 1.05 14.41
CA LEU D 56 -16.07 -1.44 11.72
CA ARG D 57 -14.75 0.12 8.54
CA LYS D 58 -11.25 1.48 8.14
CA TYR D 59 -11.06 2.42 4.44
CA CYS D 60 -8.34 4.37 2.86
CA VAL D 61 -9.81 6.57 0.16
CA GLU D 62 -6.38 6.46 -1.44
CA ALA D 63 -2.98 4.88 -0.98
CA LYS D 64 0.43 4.93 -2.60
CA LEU D 65 3.62 2.93 -3.01
CA THR D 66 7.27 3.24 -2.17
CA ASN D 67 10.49 1.20 -2.47
CA THR D 68 8.86 -0.69 -5.38
CA THR D 69 10.97 -3.82 -5.55
CA THR D 70 10.69 -6.39 -8.28
CA ALA D 71 12.85 -9.37 -9.17
CA SER D 72 12.84 -12.16 -11.74
CA ARG D 73 14.45 -15.53 -11.01
CA CYS D 74 15.32 -17.73 -13.97
CA PRO D 75 13.71 -18.59 -17.33
CA THR D 76 10.93 -21.22 -17.06
CA GLN D 77 12.06 -22.33 -13.57
CA GLY D 78 12.38 -20.93 -10.09
CA GLU D 79 10.16 -18.34 -8.50
CA PRO D 80 11.95 -15.28 -7.10
CA SER D 81 12.41 -14.64 -3.40
CA LEU D 82 12.23 -11.16 -1.98
CA ASN D 83 12.17 -9.80 1.57
CA GLU D 84 9.26 -7.36 1.07
CA GLU D 85 7.18 -10.44 0.14
CA GLN D 86 6.42 -11.07 3.83
CA ASP D 87 3.82 -8.56 5.01
CA LYS D 88 0.19 -8.40 4.01
CA ARG D 89 0.59 -4.62 3.96
CA PHE D 90 3.14 -4.85 1.10
CA VAL D 91 1.70 -5.23 -2.33
CA CYS D 92 3.19 -8.31 -3.98
CA LYS D 93 2.75 -10.21 -7.25
CA HIS D 94 4.27 -13.03 -9.25
CA SER D 95 4.21 -12.50 -12.96
CA MET D 96 6.34 -14.15 -15.63
CA VAL D 97 7.98 -11.72 -18.01
CA ASP D 98 10.68 -13.41 -20.20
CA ARG D 99 14.34 -14.24 -19.71
CA GLY D 100 17.16 -15.01 -22.06
CA TRP D 101 20.75 -14.53 -23.02
CA GLY D 102 19.45 -11.40 -24.70
CA ASN D 103 17.76 -10.77 -21.36
CA GLY D 104 21.11 -11.63 -19.81
CA CYS D 105 20.79 -15.05 -18.24
CA GLY D 106 20.05 -17.76 -20.78
CA LEU D 107 17.54 -20.14 -22.38
CA PHE D 108 15.36 -17.42 -24.12
CA GLY D 109 12.35 -18.65 -22.15
CA LYS D 110 9.94 -16.92 -19.84
CA GLY D 111 11.22 -16.04 -16.38
CA GLY D 112 9.04 -15.86 -13.31
CA ILE D 113 9.20 -12.47 -11.67
CA VAL D 114 8.08 -11.00 -8.38
CA THR D 115 7.20 -7.42 -7.54
CA CYS D 116 6.87 -6.09 -4.02
CA ALA D 117 6.21 -2.52 -2.95
CA MET D 118 5.82 -0.73 0.36
CA PHE D 119 2.17 0.20 0.34
CA THR D 120 1.34 3.41 2.20
CA CYS D 121 -2.18 4.71 2.62
CA LYS D 122 -3.71 8.14 2.17
CA LYS D 123 -7.01 9.64 3.41
CA ASN D 124 -9.48 7.45 5.18
CA MET D 125 -13.07 6.47 5.88
CA GLU D 126 -13.77 5.03 9.30
CA GLY D 127 -17.36 3.71 9.45
CA LYS D 128 -18.89 2.89 12.83
CA VAL D 129 -21.97 0.89 13.75
CA VAL D 130 -23.78 2.72 16.53
CA GLN D 131 -25.65 0.83 19.23
CA PRO D 132 -29.42 0.91 19.58
CA GLU D 133 -28.37 2.34 22.97
CA ASN D 134 -26.22 5.15 24.37
CA LEU D 135 -28.40 7.47 22.32
CA GLU D 136 -30.72 10.30 23.15
CA TYR D 137 -33.61 12.17 21.57
CA THR D 138 -34.69 15.68 22.48
CA ILE D 139 -38.33 16.68 22.03
CA VAL D 140 -39.55 20.15 22.85
CA ILE D 141 -43.00 20.51 24.36
CA THR D 142 -44.33 23.91 23.42
CA PRO D 143 -47.75 25.15 24.51
CA HIS D 144 -49.97 27.90 23.18
CA SER D 145 -51.29 31.22 24.56
CA GLY D 146 -48.73 33.04 26.56
CA GLU D 147 -47.38 36.55 27.04
CA GLU D 148 -45.92 36.87 23.55
CA ASN D 149 -44.19 33.54 22.73
CA ALA D 150 -42.81 34.22 19.36
CA VAL D 151 -44.44 31.84 16.79
CA GLY D 152 -41.11 30.75 15.26
CA ASN D 153 -37.87 30.69 17.31
CA ASP D 154 -38.23 27.63 19.66
CA THR D 155 -35.95 29.37 22.24
CA GLY D 156 -37.49 30.77 25.38
CA LYS D 157 -38.91 28.70 28.17
CA HIS D 158 -42.19 27.04 27.52
CA GLY D 159 -41.03 24.51 24.89
CA LYS D 160 -39.01 22.31 27.18
CA GLU D 161 -36.29 20.05 25.79
CA ILE D 162 -37.51 16.92 27.40
CA LYS D 163 -35.48 13.91 26.38
CA VAL D 164 -35.70 10.19 25.93
CA THR D 165 -33.07 7.44 25.81
CA PRO D 166 -33.61 3.65 25.48
CA GLN D 167 -33.05 3.30 29.23
CA SER D 168 -35.65 6.00 29.85
CA SER D 169 -39.28 5.81 30.62
CA ILE D 170 -42.62 7.61 31.26
CA THR D 171 -40.95 11.02 30.66
CA GLU D 172 -42.69 13.33 33.10
CA ALA D 173 -42.52 16.86 31.69
CA GLU D 174 -43.64 19.90 33.67
CA LEU D 175 -44.76 23.44 32.92
CA THR D 176 -46.26 26.34 34.85
CA GLY D 177 -49.22 24.78 36.61
CA TYR D 178 -50.89 22.59 34.01
CA GLY D 179 -47.83 21.12 32.36
CA THR D 180 -47.55 17.85 34.30
CA VAL D 181 -47.45 15.37 31.42
CA THR D 182 -46.09 11.83 31.26
CA MET D 183 -44.62 10.31 28.09
CA GLU D 184 -43.38 6.76 27.72
CA CYS D 185 -41.54 7.28 24.51
CA SER D 186 -40.09 4.11 22.99
CA PRO D 187 -36.74 4.88 21.34
CA ARG D 188 -36.05 1.14 21.41
CA THR D 189 -38.73 1.07 18.70
CA GLY D 190 -36.48 3.33 16.61
CA LEU D 191 -34.28 2.64 13.62
CA ASP D 192 -32.63 -0.69 14.67
CA PHE D 193 -29.07 0.52 14.96
CA ASN D 194 -25.79 -1.28 14.16
CA GLU D 195 -27.58 -1.88 10.82
CA MET D 196 -26.98 1.67 9.71
CA VAL D 197 -23.26 2.19 9.77
CA LEU D 198 -22.09 5.78 9.75
CA LEU D 199 -19.24 6.17 7.32
CA GLN D 200 -17.05 8.93 8.66
CA MET D 201 -15.13 11.13 6.34
CA GLU D 202 -13.50 14.13 8.01
CA ASN D 203 -16.88 15.81 8.13
CA LYS D 204 -19.54 13.75 6.40
CA ALA D 205 -20.57 10.63 8.10
CA TRP D 206 -22.92 8.55 6.02
CA LEU D 207 -25.99 6.93 7.50
CA VAL D 208 -25.76 3.82 5.35
CA HIS D 209 -27.01 0.28 5.56
CA ARG D 210 -24.71 -2.40 6.79
CA GLN D 211 -24.42 -5.27 4.34
CA TRP D 212 -23.06 -4.23 0.94
CA PHE D 213 -21.47 -1.26 2.66
CA LEU D 214 -19.34 -3.77 4.58
CA ASP D 215 -18.91 -5.69 1.34
CA LEU D 216 -17.68 -2.51 -0.34
CA PRO D 217 -14.21 -2.09 -1.95
CA LEU D 218 -11.79 0.88 -1.79
CA PRO D 219 -9.35 -0.48 0.63
CA TRP D 220 -10.67 -1.84 3.82
CA LEU D 221 -9.34 -2.62 7.25
CA PRO D 222 -11.12 -3.88 10.39
CA GLY D 223 -11.87 -1.32 13.05
CA ALA D 224 -8.96 -1.06 15.48
CA ASP D 225 -5.57 -1.66 13.81
CA THR D 226 -3.69 1.36 15.29
CA GLN D 227 -0.24 -0.11 14.48
CA GLY D 228 -0.52 -2.37 11.47
CA SER D 229 -2.08 -0.70 8.42
CA ASN D 230 -3.06 -4.23 7.51
CA TRP D 231 -5.03 -3.67 4.32
CA ILE D 232 -6.70 -6.95 3.58
CA GLN D 233 -7.12 -5.58 0.07
CA LYS D 234 -4.99 -4.16 -2.84
CA GLU D 235 -7.27 -6.07 -5.12
CA THR D 236 -8.90 -2.63 -5.34
CA LEU D 237 -5.90 -0.32 -5.20
CA VAL D 238 -2.61 -0.60 -7.00
CA THR D 239 -2.92 -2.72 -10.13
CA PHE D 240 0.20 -4.26 -11.63
CA LYS D 241 0.24 -4.00 -15.38
CA ASN D 242 2.34 -6.41 -17.37
CA PRO D 243 3.58 -4.67 -20.51
CA HIS D 244 3.42 -7.24 -23.23
CA ALA D 245 6.37 -9.41 -22.18
CA LYS D 246 8.60 -6.79 -20.56
CA LYS D 247 8.79 -5.36 -17.04
CA GLN D 248 5.60 -5.18 -14.95
CA ASP D 249 4.42 -1.91 -13.47
CA VAL D 250 2.22 -0.30 -10.81
CA VAL D 251 -1.07 1.64 -10.92
CA VAL D 252 -1.85 3.28 -7.59
CA LEU D 253 -5.55 3.87 -7.82
CA GLY D 254 -6.31 7.17 -6.09
CA SER D 255 -8.94 8.98 -4.11
CA GLN D 256 -12.19 7.95 -5.77
CA GLU D 257 -13.95 10.73 -3.97
CA GLY D 258 -16.52 11.87 -6.52
CA ALA D 259 -17.64 8.46 -7.70
CA MET D 260 -17.12 7.35 -4.11
CA HIS D 261 -19.89 9.81 -3.27
CA THR D 262 -21.80 8.27 -6.15
CA ALA D 263 -21.19 4.85 -4.60
CA LEU D 264 -22.57 6.06 -1.26
CA THR D 265 -25.54 7.77 -2.91
CA GLY D 266 -28.98 6.67 -1.78
CA ALA D 267 -27.74 5.47 1.63
CA THR D 268 -27.78 8.93 3.03
CA GLU D 269 -25.35 11.33 4.65
CA ILE D 270 -25.39 12.37 8.27
CA GLN D 271 -23.34 14.42 10.68
CA MET D 272 -21.45 12.82 13.52
CA SER D 273 -19.24 15.33 15.31
CA SER D 274 -19.98 15.36 19.06
CA GLY D 275 -20.96 11.86 20.10
CA ASN D 276 -23.33 11.88 17.17
CA LEU D 277 -25.12 14.75 15.52
CA LEU D 278 -27.67 12.22 14.32
CA PHE D 279 -30.22 13.98 12.12
CA THR D 280 -33.65 13.00 10.76
CA GLY D 281 -35.02 9.75 12.08
CA HIS D 282 -38.19 9.05 13.99
CA LEU D 283 -39.44 7.65 17.25
CA LYS D 284 -42.85 7.11 18.79
CA CYS D 285 -44.07 8.75 21.99
CA ARG D 286 -46.54 7.48 24.52
CA LEU D 287 -48.62 10.22 25.98
CA ARG D 288 -50.58 10.35 29.20
CA MET D 289 -51.14 14.04 29.74
CA ASP D 290 -54.06 14.07 31.89
CA LYS D 291 -52.75 15.99 34.89
CA LEU D 292 -53.24 19.50 33.49
CA GLN D 293 -55.10 22.68 34.18
CA LEU D 294 -56.24 24.95 31.37
CA LYS D 295 -53.32 27.13 32.42
CA GLY D 296 -55.64 28.17 35.19
CA MET D 297 -59.40 27.55 35.37
CA SER D 298 -61.28 30.38 37.10
CA TYR D 299 -60.85 33.75 35.42
CA SER D 300 -62.81 36.65 33.96
CA MET D 301 -63.51 37.54 30.35
CA CYS D 302 -61.53 40.50 29.09
CA THR D 303 -62.96 43.98 29.37
CA GLY D 304 -62.78 45.57 25.95
CA LYS D 305 -60.81 47.75 23.53
CA PHE D 306 -59.51 44.69 21.73
CA LYS D 307 -56.53 45.55 19.58
CA VAL D 308 -54.46 43.31 17.30
CA VAL D 309 -51.06 43.45 15.63
CA LYS D 310 -50.86 40.62 13.07
CA GLU D 311 -53.02 40.61 9.99
CA ILE D 312 -54.01 37.04 9.10
CA ALA D 313 -50.85 34.95 8.37
CA GLU D 314 -52.09 31.41 7.93
CA THR D 315 -49.83 28.36 8.07
CA GLN D 316 -50.95 24.99 6.56
CA HIS D 317 -54.63 25.27 5.49
CA GLY D 318 -55.73 28.39 7.26
CA THR D 319 -54.18 28.72 10.69
CA ILE D 320 -54.41 32.56 10.69
CA VAL D 321 -52.29 34.06 13.47
CA ILE D 322 -53.56 37.23 15.08
CA ARG D 323 -51.05 38.65 17.48
CA VAL D 324 -52.57 41.28 19.71
CA GLN D 325 -51.23 44.27 21.46
CA TYR D 326 -54.34 44.46 23.58
CA GLU D 327 -54.87 47.78 25.29
CA GLY D 328 -57.27 48.36 28.15
CA ASP D 329 -58.17 47.25 31.60
CA GLY D 330 -58.54 43.57 30.58
CA SER D 331 -57.63 42.41 34.12
CA PRO D 332 -55.16 39.68 33.37
CA CYS D 333 -57.65 36.89 32.84
CA LYS D 334 -59.46 35.32 29.86
CA ILE D 335 -60.28 36.95 26.52
CA PRO D 336 -63.56 36.62 24.59
CA PHE D 337 -63.51 35.56 21.00
CA GLU D 338 -65.91 34.65 18.21
CA ILE D 339 -65.41 33.48 14.67
CA MET D 340 -68.97 34.14 13.74
CA ASP D 341 -70.99 33.68 10.59
CA LEU D 342 -73.65 36.13 9.41
CA GLU D 343 -77.08 36.59 11.00
CA LYS D 344 -78.64 33.40 12.41
CA ARG D 345 -75.12 32.90 13.76
CA HIS D 346 -73.31 29.82 12.51
CA VAL D 347 -70.10 30.67 14.40
CA LEU D 348 -67.41 28.27 13.17
CA GLY D 349 -63.68 28.19 13.80
CA ARG D 350 -61.00 26.82 16.11
CA LEU D 351 -58.95 28.95 18.49
CA ILE D 352 -55.76 27.08 19.18
CA THR D 353 -54.76 29.71 21.73
CA VAL D 354 -56.22 27.80 24.69
CA ASN D 355 -56.94 30.17 27.61
CA PRO D 356 -56.29 33.44 25.75
CA ILE D 357 -55.35 35.44 28.83
CA VAL D 358 -55.07 39.20 29.21
CA THR D 359 -51.54 40.27 30.06
CA GLU D 360 -50.56 43.37 32.10
CA LYS D 361 -52.21 45.48 29.29
CA ASP D 362 -48.82 45.65 27.47
CA SER D 363 -47.99 42.59 25.37
CA PRO D 364 -48.09 41.45 21.75
CA VAL D 365 -49.42 38.08 22.87
CA ASN D 366 -50.19 35.95 19.87
CA ILE D 367 -53.39 34.19 18.84
CA GLU D 368 -54.06 31.61 16.20
CA ALA D 369 -57.37 30.43 14.85
CA GLU D 370 -58.51 28.43 11.87
CA PRO D 371 -61.70 29.04 9.87
CA PRO D 372 -63.55 26.30 7.96
CA PHE D 373 -63.37 26.06 4.17
CA GLY D 374 -66.24 28.49 3.60
CA ASP D 375 -66.97 31.98 4.95
CA SER D 376 -65.72 33.42 8.24
CA TYR D 377 -66.41 36.78 9.89
CA ILE D 378 -64.29 36.91 13.00
CA ILE D 379 -65.17 39.20 15.90
CA ILE D 380 -62.55 39.03 18.62
CA GLY D 381 -64.03 42.00 20.44
CA VAL D 382 -67.25 42.20 22.40
CA GLU D 383 -68.10 45.73 23.50
CA PRO D 384 -69.22 47.12 20.16
CA GLY D 385 -67.59 43.90 19.01
CA GLN D 386 -64.20 45.68 19.25
CA LEU D 387 -62.70 44.02 16.17
CA LYS D 388 -64.11 42.19 13.16
CA LEU D 389 -62.44 40.83 10.04
CA SER D 390 -63.79 39.30 6.87
CA TRP D 391 -62.52 35.93 5.66
CA PHE D 392 -63.11 33.25 3.07
CA LYS D 393 -61.47 29.84 2.84
CA LYS D 394 -62.24 27.46 -0.03
CA MET E 1 20.18 -9.47 -34.65
CA ARG E 2 20.01 -7.17 -31.60
CA CYS E 3 16.73 -8.76 -30.52
CA ILE E 4 17.41 -12.38 -29.70
CA GLY E 5 15.25 -13.63 -26.81
CA ILE E 6 12.24 -11.44 -27.60
CA SER E 7 10.02 -14.20 -29.05
CA ASN E 8 6.99 -13.65 -31.37
CA ARG E 9 9.60 -11.70 -33.36
CA ASP E 10 8.05 -11.59 -36.79
CA PHE E 11 10.03 -14.27 -38.64
CA VAL E 12 9.97 -12.64 -42.08
CA GLU E 13 11.53 -15.10 -44.52
CA GLY E 14 12.68 -14.76 -48.11
CA VAL E 15 13.57 -11.71 -50.18
CA SER E 16 11.98 -12.53 -53.54
CA GLY E 17 10.02 -9.88 -55.41
CA GLY E 18 12.69 -7.27 -56.07
CA SER E 19 13.74 -7.28 -52.38
CA TRP E 20 10.48 -5.40 -51.98
CA VAL E 21 8.60 -6.15 -48.76
CA ASP E 22 5.98 -4.16 -46.85
CA ILE E 23 6.34 -4.64 -43.09
CA VAL E 24 3.86 -3.80 -40.35
CA LEU E 25 5.68 -3.23 -37.05
CA GLU E 26 5.13 -1.47 -33.74
CA HIS E 27 7.18 -0.50 -30.72
CA GLY E 28 6.64 -3.70 -28.79
CA SER E 29 7.10 -5.59 -32.02
CA CYS E 30 10.40 -6.42 -33.68
CA VAL E 31 11.03 -8.05 -37.03
CA THR E 32 13.40 -10.81 -38.13
CA THR E 33 13.97 -10.15 -41.80
CA MET E 34 15.65 -13.17 -43.37
CA ALA E 35 16.73 -12.67 -46.97
CA LYS E 36 18.08 -15.11 -49.54
CA ASN E 37 21.27 -13.04 -49.73
CA LYS E 38 22.21 -9.59 -48.59
CA PRO E 39 22.83 -10.24 -44.96
CA THR E 40 19.66 -10.39 -42.96
CA LEU E 41 18.68 -7.24 -41.12
CA ASP E 42 16.35 -7.24 -38.18
CA PHE E 43 13.84 -4.45 -37.79
CA GLU E 44 12.34 -2.95 -34.66
CA LEU E 45 10.31 0.20 -34.12
CA ILE E 46 11.04 2.37 -31.11
CA LYS E 47 9.28 5.39 -29.75
CA THR E 48 7.05 7.76 -31.69
CA GLU E 49 7.17 11.48 -31.00
CA ALA E 50 4.22 13.67 -31.97
CA LYS E 51 5.63 17.15 -31.54
CA HIS E 52 2.57 19.34 -32.20
CA PRO E 53 -0.59 18.39 -30.35
CA ALA E 54 -3.49 20.71 -29.66
CA THR E 55 -5.12 20.94 -26.27
CA LEU E 56 -8.72 20.14 -26.15
CA ARG E 57 -9.51 19.00 -22.62
CA LYS E 58 -8.92 21.11 -19.55
CA TYR E 59 -10.44 19.03 -16.73
CA CYS E 60 -10.05 19.71 -13.11
CA VAL E 61 -9.88 16.42 -11.27
CA GLU E 62 -11.18 18.34 -8.25
CA ALA E 63 -12.34 21.78 -7.26
CA LYS E 64 -13.50 23.63 -4.18
CA LEU E 65 -15.51 26.62 -3.01
CA THR E 66 -14.98 29.82 -1.12
CA ASN E 67 -16.97 32.89 -0.03
CA THR E 68 -20.15 30.76 -0.25
CA THR E 69 -22.84 33.40 -0.48
CA THR E 70 -26.51 32.65 -0.33
CA ALA E 71 -29.54 34.91 -0.02
CA SER E 72 -33.33 34.53 0.08
CA ARG E 73 -35.61 37.31 -1.10
CA CYS E 74 -39.21 37.24 0.07
CA PRO E 75 -41.86 34.54 0.66
CA THR E 76 -43.59 33.37 -2.57
CA GLN E 77 -42.40 36.43 -4.54
CA GLY E 78 -39.17 37.99 -5.71
CA GLU E 79 -36.02 36.18 -6.68
CA PRO E 80 -32.87 37.27 -4.85
CA SER E 81 -30.13 39.32 -6.46
CA LEU E 82 -26.49 38.72 -5.63
CA ASN E 83 -23.24 40.02 -7.08
CA GLU E 84 -21.46 36.65 -7.31
CA GLU E 85 -24.31 35.58 -9.62
CA GLN E 86 -22.49 37.09 -12.62
CA ASP E 87 -19.65 34.79 -13.63
CA LYS E 88 -19.91 31.36 -15.16
CA ARG E 89 -16.99 30.37 -12.94
CA PHE E 90 -19.09 30.99 -9.79
CA VAL E 91 -21.41 28.23 -8.80
CA CYS E 92 -24.94 29.60 -8.49
CA LYS E 93 -28.41 28.23 -7.78
CA HIS E 94 -31.95 29.34 -7.10
CA SER E 95 -33.81 27.21 -4.64
CA MET E 96 -36.88 28.09 -2.58
CA VAL E 97 -36.53 27.34 1.10
CA ASP E 98 -39.37 28.90 3.19
CA ARG E 99 -39.94 32.34 4.70
CA GLY E 100 -42.16 33.61 7.45
CA TRP E 101 -42.59 35.79 10.47
CA GLY E 102 -41.08 32.85 12.29
CA ASN E 103 -38.44 33.01 9.58
CA GLY E 104 -38.36 36.73 10.26
CA CYS E 105 -40.07 38.45 7.35
CA GLY E 106 -43.72 37.47 7.03
CA LEU E 107 -46.42 35.49 5.23
CA PHE E 108 -45.21 31.95 6.34
CA GLY E 109 -44.79 31.01 2.69
CA LYS E 110 -41.86 29.71 0.71
CA GLY E 111 -39.12 32.19 -0.12
CA GLY E 112 -36.97 31.98 -3.20
CA ILE E 113 -33.29 31.81 -2.34
CA VAL E 114 -30.06 32.10 -4.25
CA THR E 115 -26.67 30.63 -3.44
CA CYS E 116 -23.44 31.73 -5.06
CA ALA E 117 -19.93 30.55 -4.27
CA MET E 118 -16.47 31.33 -5.58
CA PHE E 119 -15.52 28.12 -7.31
CA THR E 120 -11.81 27.34 -7.28
CA CYS E 121 -10.31 24.33 -9.02
CA LYS E 122 -7.79 21.72 -7.91
CA LYS E 123 -5.65 19.25 -9.91
CA ASN E 124 -6.14 18.96 -13.62
CA MET E 125 -6.25 16.82 -16.74
CA GLU E 126 -5.24 18.51 -19.96
CA GLY E 127 -5.97 16.21 -22.93
CA LYS E 128 -4.46 17.00 -26.31
CA VAL E 129 -5.27 15.73 -29.78
CA VAL E 130 -2.01 15.11 -31.61
CA GLN E 131 -1.73 15.67 -35.35
CA PRO E 132 -1.21 12.85 -37.82
CA GLU E 133 1.91 14.92 -38.48
CA ASN E 134 4.86 16.39 -36.55
CA LEU E 135 5.57 12.83 -35.46
CA GLU E 136 8.43 10.45 -35.92
CA TYR E 137 9.11 6.74 -35.78
CA THR E 138 12.51 5.16 -35.17
CA ILE E 139 13.23 1.71 -36.61
CA VAL E 140 16.54 0.01 -36.07
CA ILE E 141 17.96 -2.07 -38.90
CA THR E 142 20.13 -4.75 -37.40
CA PRO E 143 22.00 -7.32 -39.50
CA HIS E 144 23.47 -10.68 -38.65
CA SER E 145 27.01 -12.14 -38.56
CA GLY E 146 29.53 -9.71 -37.26
CA GLU E 147 32.49 -9.60 -34.91
CA GLU E 148 30.51 -10.34 -31.77
CA ASN E 149 27.29 -8.27 -31.93
CA ALA E 150 25.67 -9.15 -28.71
CA VAL E 151 22.31 -10.93 -29.40
CA GLY E 152 20.32 -8.73 -27.00
CA ASN E 153 21.34 -5.09 -26.29
CA ASP E 154 20.37 -3.13 -29.48
CA THR E 155 23.20 -0.61 -28.75
CA GLY E 156 26.33 -0.68 -30.85
CA LYS E 157 26.49 0.33 -34.45
CA HIS E 158 24.99 -2.03 -36.93
CA GLY E 159 21.32 -1.61 -35.95
CA LYS E 160 20.87 1.91 -37.21
CA GLU E 161 18.06 4.11 -35.89
CA ILE E 162 16.67 5.04 -39.20
CA LYS E 163 13.55 7.14 -38.91
CA VAL E 164 10.35 8.00 -40.69
CA THR E 165 7.97 10.95 -40.42
CA PRO E 166 4.82 11.63 -42.52
CA GLN E 167 6.81 14.12 -44.60
CA SER E 168 9.47 11.47 -45.17
CA SER E 169 10.02 9.07 -47.96
CA ILE E 170 12.03 6.16 -49.46
CA THR E 171 14.25 6.01 -46.31
CA GLU E 172 17.66 5.09 -47.65
CA ALA E 173 19.56 3.31 -44.87
CA GLU E 174 23.24 2.41 -45.19
CA LEU E 175 25.63 -0.06 -43.60
CA THR E 176 29.19 -1.24 -44.18
CA GLY E 177 29.23 -2.14 -47.84
CA TYR E 178 26.01 -4.04 -48.45
CA GLY E 179 23.65 -1.98 -46.34
CA THR E 180 22.25 0.34 -49.02
CA VAL E 181 18.52 -0.22 -48.50
CA THR E 182 15.57 1.98 -49.39
CA MET E 183 12.34 2.03 -47.38
CA GLU E 184 9.23 4.02 -48.23
CA CYS E 185 7.56 3.65 -44.91
CA SER E 186 4.04 5.10 -44.76
CA PRO E 187 3.44 6.63 -41.32
CA ARG E 188 0.50 8.48 -42.86
CA THR E 189 -1.06 4.99 -42.91
CA GLY E 190 -0.71 4.93 -39.12
CA LEU E 191 -3.23 5.37 -36.33
CA ASP E 192 -5.31 8.33 -37.67
CA PHE E 193 -4.38 10.87 -35.04
CA ASN E 194 -6.50 13.66 -33.49
CA GLU E 195 -8.91 10.75 -32.89
CA MET E 196 -6.83 9.44 -30.02
CA VAL E 197 -6.61 12.23 -27.51
CA LEU E 198 -3.88 11.93 -24.93
CA LEU E 199 -5.22 12.79 -21.53
CA GLN E 200 -2.37 14.27 -19.57
CA MET E 201 -2.19 13.84 -15.86
CA GLU E 202 1.11 14.97 -14.33
CA ASN E 203 2.70 11.80 -15.60
CA LYS E 204 0.19 9.51 -17.26
CA ALA E 205 -1.17 10.63 -20.52
CA TRP E 206 -3.94 8.41 -21.78
CA LEU E 207 -4.12 7.30 -25.39
CA VAL E 208 -7.89 7.45 -25.55
CA HIS E 209 -10.47 7.76 -28.26
CA ARG E 210 -11.95 11.12 -28.98
CA GLN E 211 -15.75 11.06 -28.81
CA TRP E 212 -17.10 10.04 -25.42
CA PHE E 213 -13.81 11.16 -23.94
CA LEU E 214 -14.73 14.68 -25.08
CA ASP E 215 -18.27 14.01 -23.86
CA LEU E 216 -16.86 13.04 -20.47
CA PRO E 217 -17.72 14.81 -17.15
CA LEU E 218 -15.45 15.79 -14.23
CA PRO E 219 -15.17 19.42 -14.90
CA TRP E 220 -14.20 20.48 -18.31
CA LEU E 221 -12.79 23.54 -19.96
CA PRO E 222 -11.74 24.17 -23.58
CA GLY E 223 -8.05 24.08 -24.32
CA ALA E 224 -6.54 27.54 -23.85
CA ASP E 225 -8.23 29.56 -21.09
CA THR E 226 -5.08 30.78 -19.27
CA GLN E 227 -6.93 33.57 -17.43
CA GLY E 228 -10.54 32.58 -16.96
CA SER E 229 -11.00 29.21 -15.23
CA ASN E 230 -14.29 29.18 -17.11
CA TRP E 231 -15.68 25.79 -16.10
CA ILE E 232 -18.62 25.21 -18.38
CA GLN E 233 -19.66 22.62 -15.82
CA LYS E 234 -20.47 22.33 -12.04
CA GLU E 235 -23.23 20.01 -13.05
CA THR E 236 -20.56 17.44 -12.15
CA LEU E 237 -18.84 19.10 -9.20
CA VAL E 238 -20.37 20.86 -6.25
CA THR E 239 -23.94 19.73 -5.66
CA PHE E 240 -26.27 21.94 -3.65
CA LYS E 241 -28.36 19.95 -1.24
CA ASN E 242 -31.61 21.41 0.00
CA PRO E 243 -32.24 20.19 3.53
CA HIS E 244 -35.92 19.54 3.76
CA ALA E 245 -37.16 23.14 3.80
CA LYS E 246 -34.25 24.83 5.55
CA LYS E 247 -30.98 26.31 4.29
CA GLN E 248 -29.36 24.80 1.17
CA ASP E 249 -25.81 23.53 1.25
CA VAL E 250 -22.77 22.61 -0.86
CA VAL E 251 -21.11 19.30 -1.80
CA VAL E 252 -17.72 19.84 -3.43
CA LEU E 253 -17.18 16.60 -5.26
CA GLY E 254 -13.47 15.76 -5.06
CA SER E 255 -10.66 14.09 -6.93
CA GLN E 256 -12.30 11.03 -8.45
CA GLU E 257 -8.90 9.63 -9.17
CA GLY E 258 -9.42 5.91 -8.64
CA ALA E 259 -12.76 5.58 -10.36
CA MET E 260 -11.46 8.20 -12.78
CA HIS E 261 -8.83 5.61 -13.71
CA THR E 262 -11.70 3.15 -13.94
CA ALA E 263 -13.46 5.59 -16.26
CA LEU E 264 -10.39 5.79 -18.48
CA THR E 265 -9.88 2.04 -18.42
CA GLY E 266 -9.83 0.27 -21.78
CA ALA E 267 -8.77 3.41 -23.67
CA THR E 268 -5.18 2.92 -22.77
CA GLU E 269 -2.45 4.85 -21.02
CA ILE E 270 0.61 6.33 -22.67
CA GLN E 271 3.56 8.49 -21.79
CA MET E 272 3.94 11.98 -23.17
CA SER E 273 6.88 13.78 -21.60
CA SER E 274 9.26 15.11 -24.28
CA GLY E 275 7.20 16.06 -27.32
CA ASN E 276 5.56 12.68 -27.00
CA LEU E 277 6.91 9.45 -25.62
CA LEU E 278 4.34 7.68 -27.76
CA PHE E 279 4.53 3.95 -27.11
CA THR E 280 3.13 0.88 -28.89
CA GLY E 281 1.47 1.58 -32.21
CA HIS E 282 2.28 0.29 -35.64
CA LEU E 283 3.26 1.47 -39.09
CA LYS E 284 3.99 -0.25 -42.37
CA CYS E 285 7.32 -0.14 -44.18
CA ARG E 286 8.03 -0.35 -47.87
CA LEU E 287 11.20 -2.18 -48.61
CA ARG E 288 13.41 -2.12 -51.68
CA MET E 289 16.67 -3.52 -50.45
CA ASP E 290 18.18 -4.74 -53.51
CA LYS E 291 21.46 -2.82 -53.51
CA LEU E 292 23.40 -5.12 -51.16
CA GLN E 293 26.44 -7.30 -51.07
CA LEU E 294 26.57 -10.42 -48.92
CA LYS E 295 28.75 -8.32 -46.63
CA GLY E 296 31.42 -9.08 -49.18
CA MET E 297 31.26 -11.74 -51.90
CA SER E 298 34.67 -13.30 -52.64
CA TYR E 299 36.27 -14.97 -49.63
CA SER E 300 37.76 -18.24 -48.46
CA MET E 301 36.29 -20.94 -46.27
CA CYS E 302 37.72 -21.04 -42.77
CA THR E 303 40.72 -23.20 -42.03
CA GLY E 304 39.86 -25.36 -39.04
CA LYS E 305 39.97 -25.78 -35.26
CA PHE E 306 36.38 -24.65 -34.95
CA LYS E 307 35.55 -23.70 -31.41
CA VAL E 308 32.26 -22.47 -29.92
CA VAL E 309 31.15 -20.69 -26.77
CA LYS E 310 27.33 -20.89 -26.58
CA GLU E 311 25.55 -24.16 -26.05
CA ILE E 312 22.27 -24.19 -27.97
CA ALA E 313 19.99 -21.37 -26.67
CA GLU E 314 17.00 -21.36 -29.00
CA THR E 315 14.55 -18.47 -29.27
CA GLN E 316 11.05 -18.99 -30.78
CA HIS E 317 10.83 -22.54 -32.24
CA GLY E 318 14.43 -23.55 -32.38
CA THR E 319 16.70 -20.68 -33.31
CA ILE E 320 19.73 -22.16 -31.47
CA VAL E 321 22.50 -19.57 -31.06
CA ILE E 322 26.05 -20.82 -31.18
CA ARG E 323 28.50 -18.10 -30.34
CA VAL E 324 32.03 -19.05 -31.27
CA GLN E 325 35.37 -18.11 -29.94
CA TYR E 326 37.02 -19.53 -33.03
CA GLU E 327 40.72 -20.22 -32.66
CA GLY E 328 43.07 -20.83 -35.54
CA ASP E 329 44.37 -19.38 -38.75
CA GLY E 330 40.87 -18.96 -40.25
CA SER E 331 42.09 -16.03 -42.41
CA PRO E 332 39.32 -13.53 -41.86
CA CYS E 333 36.94 -14.83 -44.51
CA LYS E 334 33.99 -17.25 -44.64
CA ILE E 335 33.28 -20.17 -42.29
CA PRO E 336 32.03 -23.63 -43.32
CA PHE E 337 28.98 -25.07 -41.67
CA GLU E 338 26.70 -28.08 -41.95
CA ILE E 339 23.58 -29.11 -40.12
CA MET E 340 23.74 -32.62 -41.40
CA ASP E 341 21.56 -35.68 -40.98
CA LEU E 342 22.93 -39.21 -40.63
CA GLU E 343 24.49 -41.25 -43.47
CA LYS E 344 22.93 -40.68 -46.90
CA ARG E 345 23.15 -37.04 -45.82
CA HIS E 346 19.85 -35.21 -45.55
CA VAL E 347 21.49 -31.99 -44.28
CA LEU E 348 18.68 -29.69 -43.13
CA GLY E 349 18.78 -26.40 -41.27
CA ARG E 350 18.96 -22.63 -41.71
CA LEU E 351 21.97 -20.51 -40.79
CA ILE E 352 20.72 -17.02 -40.22
CA THR E 353 24.30 -15.82 -39.78
CA VAL E 354 24.71 -14.80 -43.43
CA ASN E 355 28.40 -14.67 -44.40
CA PRO E 356 29.79 -16.22 -41.20
CA ILE E 357 33.21 -14.57 -41.44
CA VAL E 358 36.37 -15.44 -39.56
CA THR E 359 37.53 -12.58 -37.35
CA GLU E 360 41.17 -11.82 -36.38
CA LYS E 361 41.20 -15.28 -34.60
CA ASP E 362 40.01 -13.61 -31.36
CA SER E 363 36.26 -12.98 -31.17
CA PRO E 364 33.14 -14.53 -29.65
CA VAL E 365 31.27 -13.86 -32.88
CA ASN E 366 27.79 -15.28 -32.64
CA ILE E 367 25.97 -17.75 -34.89
CA GLU E 368 22.35 -18.74 -35.05
CA ALA E 369 20.80 -21.65 -36.88
CA GLU E 370 17.46 -23.40 -36.81
CA PRO E 371 16.91 -27.14 -37.26
CA PRO E 372 13.70 -28.65 -38.65
CA PHE E 373 11.16 -30.36 -36.39
CA GLY E 374 12.91 -33.74 -36.56
CA ASP E 375 16.51 -34.81 -36.02
CA SER E 376 19.59 -32.63 -36.49
CA TYR E 377 23.29 -33.46 -36.16
CA ILE E 378 25.18 -30.25 -36.66
CA ILE E 379 28.82 -30.23 -37.76
CA ILE E 380 30.20 -26.71 -37.87
CA GLY E 381 33.74 -27.96 -38.34
CA VAL E 382 35.29 -29.56 -41.38
CA GLU E 383 38.80 -30.86 -40.74
CA PRO E 384 37.90 -33.93 -38.72
CA GLY E 385 34.57 -32.15 -38.68
CA GLN E 386 35.91 -29.95 -35.84
CA LEU E 387 32.63 -29.78 -33.93
CA LYS E 388 29.43 -31.82 -33.93
CA LEU E 389 26.34 -31.64 -31.73
CA SER E 390 23.26 -33.81 -31.44
CA TRP E 391 19.79 -32.29 -31.68
CA PHE E 392 16.13 -33.17 -31.87
CA LYS E 393 13.20 -30.84 -32.49
CA LYS E 394 9.61 -32.11 -32.46
CA GLU F 1 36.79 5.88 -9.88
CA VAL F 2 35.61 2.27 -9.86
CA GLN F 3 34.92 1.97 -6.15
CA LEU F 4 32.38 0.84 -3.59
CA VAL F 5 32.04 2.75 -0.34
CA GLN F 6 31.45 0.96 2.97
CA SER F 7 31.58 1.58 6.70
CA GLY F 8 34.70 1.29 8.83
CA PRO F 9 35.88 0.02 12.23
CA ASP F 10 32.86 -0.10 14.53
CA VAL F 11 32.47 -1.64 17.98
CA GLU F 12 29.29 -3.73 17.90
CA LYS F 13 27.41 -5.89 20.30
CA PRO F 14 26.64 -9.60 19.96
CA GLY F 15 23.05 -10.39 19.05
CA ALA F 16 22.73 -7.02 17.32
CA SER F 17 22.82 -5.90 13.69
CA VAL F 18 25.26 -3.70 11.81
CA LYS F 19 24.76 -1.92 8.48
CA VAL F 20 27.50 -1.68 5.86
CA SER F 21 27.01 0.63 2.92
CA CYS F 22 28.24 -0.21 -0.57
CA LYS F 23 28.11 2.95 -2.63
CA ALA F 24 28.84 2.79 -6.33
CA SER F 25 31.27 4.88 -8.29
CA GLY F 26 33.08 4.40 -11.58
CA TYR F 27 30.45 2.11 -13.11
CA THR F 28 26.72 1.83 -13.78
CA PHE F 29 25.04 0.55 -10.62
CA THR F 30 22.22 -1.54 -12.09
CA SER F 31 24.52 -2.93 -14.77
CA ASN F 32 26.20 -5.12 -12.16
CA TYR F 33 25.56 -7.24 -9.07
CA ILE F 34 26.92 -6.69 -5.56
CA HIS F 35 28.25 -9.87 -4.03
CA TRP F 36 29.10 -9.40 -0.36
CA VAL F 37 32.09 -11.31 1.02
CA ARG F 38 33.36 -11.14 4.58
CA GLN F 39 36.76 -11.98 5.96
CA ALA F 40 37.17 -12.88 9.60
CA PRO F 41 40.59 -11.58 10.73
CA GLY F 42 41.76 -15.15 11.33
CA GLN F 43 40.38 -16.20 7.95
CA GLY F 44 40.68 -15.58 4.24
CA LEU F 45 37.76 -14.25 2.27
CA GLU F 46 34.32 -15.67 2.97
CA TRP F 47 31.25 -15.25 0.78
CA MET F 48 28.15 -13.74 2.36
CA GLY F 49 25.69 -13.17 -0.45
CA VAL F 50 24.69 -10.90 -3.32
CA ILE F 51 22.10 -8.29 -4.18
CA ASN F 52 21.27 -7.24 -7.66
CA PRO F 53 21.31 -3.46 -7.98
CA ARG F 54 19.33 -4.17 -11.12
CA GLY F 55 15.72 -4.61 -10.17
CA GLY F 56 15.94 -5.86 -6.62
CA SER F 57 16.86 -9.53 -6.29
CA THR F 58 18.70 -10.58 -3.15
CA ALA F 59 20.47 -13.78 -2.10
CA SER F 60 22.26 -14.82 1.08
CA ALA F 61 24.35 -17.72 2.32
CA GLN F 62 23.02 -20.62 4.33
CA LYS F 63 25.36 -19.30 7.01
CA PHE F 64 23.07 -16.27 7.02
CA GLN F 65 19.79 -18.09 6.44
CA GLY F 66 17.49 -15.46 7.87
CA ARG F 67 20.43 -13.82 9.67
CA ILE F 68 21.39 -11.07 7.22
CA THR F 69 19.83 -8.24 5.24
CA MET F 70 20.99 -6.99 1.85
CA THR F 71 18.79 -4.08 0.86
CA ARG F 72 19.90 -1.09 -1.14
CA ASP F 73 19.17 2.52 -1.92
CA THR F 74 19.42 2.30 -5.71
CA SER F 75 19.15 6.07 -6.11
CA THR F 76 22.26 6.63 -4.02
CA SER F 77 23.70 3.53 -5.77
CA THR F 78 24.44 2.12 -2.33
CA VAL F 79 23.82 -1.39 -0.99
CA TYR F 80 23.06 -1.72 2.72
CA MET F 81 24.02 -5.10 4.11
CA GLU F 82 22.83 -5.15 7.69
CA LEU F 83 24.01 -8.30 9.45
CA SER F 84 21.66 -9.26 12.25
CA SER F 85 22.33 -11.79 15.05
CA LEU F 86 25.84 -10.47 15.66
CA ARG F 87 28.48 -12.25 17.72
CA SER F 88 32.27 -12.42 17.99
CA ASP F 89 32.25 -14.68 14.92
CA ASP F 90 30.69 -11.78 13.02
CA THR F 91 33.69 -9.63 13.94
CA ALA F 92 35.20 -9.37 10.47
CA VAL F 93 36.31 -7.08 7.70
CA TYR F 94 33.40 -6.86 5.27
CA TYR F 95 33.61 -6.58 1.50
CA CYS F 96 31.31 -5.97 -1.43
CA ALA F 97 31.60 -5.53 -5.15
CA ARG F 98 30.04 -6.37 -8.41
CA GLY F 99 29.05 -9.25 -10.56
CA GLY F 100 29.55 -7.94 -14.05
CA ARG F 101 27.55 -10.49 -15.96
CA ALA F 102 24.69 -10.00 -18.36
CA LEU F 103 22.67 -9.74 -15.31
CA PHE F 104 19.17 -9.72 -15.06
CA TYR F 105 19.26 -11.15 -11.51
CA ASP F 106 21.75 -12.66 -9.11
CA SER F 107 21.71 -16.31 -10.03
CA TYR F 108 24.37 -17.01 -12.67
CA THR F 109 27.87 -18.29 -13.19
CA THR F 110 26.73 -19.21 -16.74
CA PRO F 111 28.02 -15.94 -18.41
CA ARG F 112 31.56 -17.37 -18.38
CA ASP F 113 32.60 -15.49 -15.25
CA GLY F 114 32.48 -12.58 -13.06
CA GLY F 115 32.67 -9.43 -15.13
CA SER F 116 35.24 -7.62 -13.02
CA TRP F 117 33.06 -8.90 -10.19
CA TRP F 118 36.09 -7.92 -8.18
CA PHE F 119 39.30 -8.48 -6.85
CA ASP F 120 40.25 -4.88 -7.29
CA PRO F 121 36.81 -3.04 -6.96
CA TRP F 122 35.83 -4.47 -3.53
CA GLY F 123 34.19 -2.05 -1.14
CA GLN F 124 36.84 -0.93 1.25
CA GLY F 125 36.15 -3.37 4.09
CA SER F 126 34.00 -2.75 7.13
CA LEU F 127 36.03 -3.71 10.20
CA VAL F 128 33.18 -4.72 12.48
CA THR F 129 34.57 -5.63 15.90
CA VAL F 130 31.52 -7.23 17.49
CA SER F 131 32.56 -6.70 21.11
CA SER F 132 31.53 -4.93 24.29
CA ASP G 1 31.00 -27.86 -2.92
CA ILE G 2 33.25 -27.45 -4.64
CA GLN G 3 36.33 -28.73 -2.80
CA LEU G 4 38.90 -25.97 -3.23
CA THR G 5 42.31 -26.92 -1.87
CA GLN G 6 45.13 -24.43 -2.30
CA SER G 7 48.60 -25.95 -2.09
CA PRO G 8 50.61 -24.74 -0.29
CA SER G 9 49.12 -22.54 2.40
CA SER G 10 52.00 -20.26 3.49
CA LEU G 11 55.61 -19.83 2.43
CA SER G 12 58.49 -17.42 2.92
CA ALA G 13 60.67 -17.58 -0.16
CA SER G 14 63.60 -15.46 -1.21
CA VAL G 15 63.07 -12.30 -3.22
CA GLY G 16 63.14 -13.28 -6.90
CA ASP G 17 61.72 -16.81 -6.73
CA ARG G 18 59.45 -18.43 -9.28
CA VAL G 19 56.84 -20.09 -7.09
CA THR G 20 53.94 -22.28 -8.25
CA PHE G 21 50.70 -23.05 -6.42
CA THR G 22 47.85 -25.44 -7.15
CA CYS G 23 44.26 -24.79 -6.38
CA GLN G 24 42.48 -28.08 -6.84
CA ALA G 25 38.77 -28.39 -7.44
CA SER G 26 36.85 -31.60 -6.95
CA GLN G 27 34.73 -30.94 -10.05
CA ASP G 28 35.17 -29.34 -13.47
CA ILE G 29 35.08 -25.60 -12.75
CA ARG G 30 36.64 -25.15 -16.14
CA LYS G 31 37.50 -21.44 -15.79
CA TYR G 32 35.50 -20.51 -12.68
CA LEU G 33 38.58 -20.06 -10.52
CA ASN G 34 40.34 -16.80 -9.80
CA TRP G 35 43.93 -16.35 -8.58
CA TYR G 36 44.32 -13.68 -5.98
CA GLN G 37 46.60 -11.88 -3.60
CA GLN G 38 45.60 -10.32 -0.33
CA LYS G 39 48.72 -9.44 1.56
CA PRO G 40 49.29 -10.36 5.24
CA GLY G 41 47.69 -7.58 7.23
CA LYS G 42 46.69 -5.88 3.97
CA ALA G 43 44.13 -5.63 1.22
CA PRO G 44 42.98 -7.77 -1.72
CA LYS G 45 44.91 -7.22 -4.93
CA LEU G 46 43.58 -8.57 -8.23
CA LEU G 47 45.82 -11.01 -10.13
CA ILE G 48 44.01 -13.50 -12.38
CA TYR G 49 40.46 -13.98 -13.52
CA ASP G 50 39.41 -17.39 -14.92
CA ALA G 51 42.47 -19.23 -13.44
CA SER G 52 44.50 -18.99 -16.63
CA ASN G 53 43.80 -15.50 -17.96
CA LEU G 54 46.13 -12.59 -17.22
CA LYS G 55 44.18 -9.68 -15.84
CA THR G 56 45.32 -6.37 -17.29
CA GLY G 57 47.58 -4.33 -15.04
CA VAL G 58 48.92 -7.53 -13.45
CA PRO G 59 52.64 -8.42 -13.80
CA SER G 60 53.66 -11.28 -16.05
CA ARG G 61 55.50 -12.88 -13.17
CA PHE G 62 51.99 -13.94 -12.20
CA SER G 63 50.32 -16.49 -14.43
CA GLY G 64 47.48 -18.91 -14.07
CA SER G 65 47.02 -22.35 -15.60
CA GLY G 66 44.78 -25.38 -15.50
CA SER G 67 41.25 -26.12 -16.71
CA GLY G 68 39.69 -29.31 -15.34
CA THR G 69 40.37 -29.63 -11.61
CA ASP G 70 44.00 -28.66 -10.95
CA PHE G 71 45.20 -25.11 -11.34
CA THR G 72 48.70 -23.70 -11.40
CA PHE G 73 49.73 -20.32 -10.09
CA THR G 74 53.13 -18.95 -10.96
CA ILE G 75 55.21 -15.97 -9.87
CA SER G 76 58.46 -15.58 -11.75
CA SER G 77 59.99 -13.48 -8.97
CA LEU G 78 59.06 -12.90 -5.36
CA GLN G 79 59.50 -9.25 -4.42
CA PRO G 80 59.38 -7.32 -1.11
CA GLU G 81 56.09 -5.99 -2.49
CA ASP G 82 55.04 -9.54 -3.40
CA VAL G 83 54.75 -10.46 0.29
CA ALA G 84 51.17 -11.57 -0.21
CA THR G 85 48.60 -14.22 0.67
CA TYR G 86 47.87 -15.68 -2.75
CA TYR G 87 44.28 -16.94 -2.77
CA CYS G 88 42.03 -18.39 -5.40
CA GLN G 89 38.27 -18.49 -5.85
CA GLN G 90 36.02 -21.21 -7.10
CA PHE G 91 33.28 -19.43 -8.93
CA ASP G 92 31.45 -22.44 -10.36
CA ASP G 93 27.69 -22.83 -9.77
CA LEU G 94 27.99 -20.17 -6.96
CA PRO G 95 28.75 -21.99 -3.79
CA ILE G 96 31.37 -19.26 -3.85
CA THR G 97 34.43 -20.99 -2.48
CA PHE G 98 37.70 -19.25 -1.74
CA GLY G 99 41.19 -20.63 -1.72
CA GLN G 100 43.15 -20.91 1.46
CA GLY G 101 45.77 -18.41 0.35
CA THR G 102 49.49 -18.91 0.38
CA ARG G 103 51.73 -16.32 1.99
CA LEU G 104 55.26 -15.39 1.00
CA GLN G 105 57.52 -13.00 2.94
CA ILE G 106 60.70 -10.91 3.02
CA LYS G 107 63.88 -12.51 4.31
CA GLU H 1 -17.25 39.99 25.28
CA VAL H 2 -19.81 41.40 22.84
CA GLN H 3 -17.38 43.08 20.49
CA LEU H 4 -16.44 43.50 16.84
CA VAL H 5 -12.80 43.84 15.88
CA GLN H 6 -11.69 46.25 13.14
CA SER H 7 -8.55 47.89 11.79
CA GLY H 8 -7.04 51.09 13.13
CA PRO H 9 -5.39 54.33 11.97
CA ASP H 10 -3.99 53.72 8.50
CA VAL H 11 -2.58 56.18 5.95
CA GLU H 12 -4.26 55.40 2.62
CA LYS H 13 -4.13 56.77 -0.86
CA PRO H 14 -6.97 58.32 -2.85
CA GLY H 15 -8.37 56.09 -5.57
CA ALA H 16 -7.32 52.99 -3.62
CA SER H 17 -9.15 50.52 -1.42
CA VAL H 18 -8.86 49.75 2.29
CA LYS H 19 -10.07 46.67 4.17
CA VAL H 20 -11.64 46.86 7.61
CA SER H 21 -12.19 43.67 9.55
CA CYS H 22 -15.21 43.13 11.76
CA LYS H 23 -14.54 40.10 13.93
CA ALA H 24 -17.28 38.75 16.14
CA SER H 25 -17.11 37.99 19.82
CA GLY H 26 -19.71 37.69 22.54
CA TYR H 27 -22.54 36.63 20.23
CA THR H 28 -23.44 34.15 17.50
CA PHE H 29 -22.13 35.50 14.20
CA THR H 30 -24.79 34.23 11.78
CA SER H 31 -27.56 35.09 14.24
CA ASN H 32 -27.09 38.78 13.45
CA TYR H 33 -26.36 41.23 10.64
CA ILE H 34 -23.37 43.57 10.32
CA HIS H 35 -24.38 47.06 9.34
CA TRP H 36 -21.36 49.21 8.52
CA VAL H 37 -21.52 52.90 9.43
CA ARG H 38 -18.75 55.42 8.86
CA GLN H 39 -18.14 58.73 10.54
CA ALA H 40 -16.11 61.40 8.81
CA PRO H 41 -14.20 63.33 11.51
CA GLY H 42 -16.17 66.49 10.67
CA GLN H 43 -19.42 64.49 10.69
CA GLY H 44 -21.65 62.41 12.89
CA LEU H 45 -22.32 58.79 12.06
CA GLU H 46 -22.99 57.86 8.46
CA TRP H 47 -24.44 54.58 7.23
CA MET H 48 -22.45 52.59 4.70
CA GLY H 49 -24.21 49.27 4.30
CA VAL H 50 -24.78 45.83 5.79
CA ILE H 51 -23.74 42.25 5.24
CA ASN H 52 -25.58 39.31 6.63
CA PRO H 53 -23.20 36.93 8.39
CA ARG H 54 -26.07 34.50 7.97
CA GLY H 55 -25.88 33.02 4.53
CA GLY H 56 -24.18 35.73 2.56
CA SER H 57 -26.42 38.65 1.58
CA THR H 58 -24.77 42.04 1.15
CA ALA H 59 -26.12 45.56 0.72
CA SER H 60 -24.44 48.93 0.23
CA ALA H 61 -25.43 52.57 0.09
CA GLN H 62 -26.05 54.51 -3.08
CA LYS H 63 -23.07 56.57 -1.94
CA PHE H 64 -21.12 53.36 -2.47
CA GLN H 65 -22.97 52.12 -5.54
CA GLY H 66 -20.25 49.87 -6.90
CA ARG H 67 -17.66 51.64 -4.74
CA ILE H 68 -17.47 49.34 -1.72
CA THR H 69 -17.04 45.68 -0.85
CA MET H 70 -18.56 43.90 2.14
CA THR H 71 -17.39 40.32 2.08
CA ARG H 72 -16.70 38.20 5.13
CA ASP H 73 -14.83 35.20 6.42
CA THR H 74 -17.70 33.53 8.26
CA SER H 75 -15.40 30.92 9.80
CA THR H 76 -13.33 33.59 11.51
CA SER H 77 -16.64 35.40 12.16
CA THR H 78 -15.09 38.48 10.56
CA VAL H 79 -16.58 40.87 8.00
CA TYR H 80 -14.19 42.51 5.56
CA MET H 81 -15.46 45.83 4.27
CA GLU H 82 -12.97 46.97 1.67
CA LEU H 83 -13.81 50.47 0.47
CA SER H 84 -12.58 51.05 -3.07
CA SER H 85 -12.27 54.40 -4.88
CA LEU H 86 -10.71 56.11 -1.88
CA ARG H 87 -10.31 59.87 -1.47
CA SER H 88 -10.02 62.44 1.30
CA ASP H 89 -13.79 62.18 1.76
CA ASP H 90 -13.26 58.52 2.61
CA THR H 91 -10.94 59.57 5.44
CA ALA H 92 -13.19 58.55 8.33
CA VAL H 93 -13.54 56.45 11.43
CA TYR H 94 -15.30 53.28 10.35
CA TYR H 95 -17.82 51.28 12.36
CA CYS H 96 -19.64 47.99 12.17
CA ALA H 97 -22.01 45.98 14.29
CA ARG H 98 -25.04 43.83 14.22
CA GLY H 99 -28.62 43.81 13.23
CA GLY H 100 -30.20 41.54 15.76
CA ARG H 101 -33.47 40.82 14.01
CA ALA H 102 -35.02 37.51 13.08
CA LEU H 103 -32.74 37.69 10.21
CA PHE H 104 -32.76 35.65 7.35
CA TYR H 105 -31.17 38.39 5.20
CA ASP H 106 -30.33 42.07 5.42
CA SER H 107 -33.53 43.73 4.28
CA TYR H 108 -35.75 44.41 7.29
CA THR H 109 -36.83 47.07 9.73
CA THR H 110 -40.08 45.06 10.09
CA PRO H 111 -38.96 43.07 13.24
CA ARG H 112 -39.72 46.12 15.39
CA ASP H 113 -36.11 47.27 15.56
CA GLY H 114 -32.53 46.61 15.67
CA GLY H 115 -31.85 43.79 18.09
CA SER H 116 -28.92 45.40 19.88
CA TRP H 117 -27.89 46.27 16.35
CA TRP H 118 -25.58 48.60 18.21
CA PHE H 119 -24.84 51.61 19.88
CA ASP H 120 -22.61 49.83 22.32
CA PRO H 121 -21.30 46.79 20.24
CA TRP H 122 -19.86 48.81 17.30
CA GLY H 123 -16.56 47.60 15.92
CA GLN H 124 -13.92 49.81 17.38
CA GLY H 125 -13.59 52.30 14.51
CA SER H 126 -11.09 52.18 11.68
CA LEU H 127 -9.42 55.58 11.46
CA VAL H 128 -8.64 55.60 7.75
CA THR H 129 -6.72 58.77 6.89
CA VAL H 130 -6.84 58.65 3.10
CA SER H 131 -3.81 60.85 2.47
CA SER H 132 -0.35 60.81 0.95
CA ASP I 1 -35.56 60.54 4.61
CA ILE I 2 -36.41 60.79 7.35
CA GLN I 3 -35.75 64.38 8.42
CA LEU I 4 -34.04 64.05 11.80
CA THR I 5 -33.49 67.41 13.47
CA GLN I 6 -31.95 67.39 16.93
CA SER I 7 -32.62 70.55 18.95
CA PRO I 8 -30.37 71.96 20.23
CA SER I 9 -27.00 71.10 18.76
CA SER I 10 -24.49 72.03 21.50
CA LEU I 11 -24.75 73.43 25.01
CA SER I 12 -22.60 73.98 28.07
CA ALA I 13 -24.84 73.82 31.11
CA SER I 14 -23.98 73.79 34.78
CA VAL I 15 -23.35 70.52 36.59
CA GLY I 16 -26.70 69.27 37.88
CA ASP I 17 -29.06 70.63 35.22
CA ARG I 18 -32.15 68.92 33.89
CA VAL I 19 -31.82 69.47 30.15
CA THR I 20 -34.33 68.41 27.47
CA PHE I 21 -33.71 67.84 23.77
CA THR I 22 -36.03 67.18 20.85
CA CYS I 23 -35.22 65.00 17.93
CA GLN I 24 -37.91 65.67 15.37
CA ALA I 25 -38.77 63.29 12.56
CA SER I 26 -40.71 64.30 9.49
CA GLN I 27 -42.66 61.03 9.49
CA ASP I 28 -44.04 58.57 12.03
CA ILE I 29 -40.98 56.63 13.20
CA ARG I 30 -43.06 55.56 16.14
CA LYS I 31 -40.24 54.03 18.21
CA TYR I 32 -37.45 53.84 15.61
CA LEU I 33 -35.38 56.55 17.27
CA ASN I 34 -32.55 56.02 19.70
CA TRP I 35 -31.14 58.56 22.17
CA TYR I 36 -27.39 58.53 22.42
CA GLN I 37 -24.29 60.04 23.91
CA GLN I 38 -20.90 60.17 22.30
CA LYS I 39 -18.74 62.50 24.28
CA PRO I 40 -16.64 65.29 22.70
CA GLY I 41 -13.39 63.64 21.70
CA LYS I 42 -14.67 60.34 23.08
CA ALA I 43 -16.67 57.23 22.38
CA PRO I 44 -20.34 56.30 21.92
CA LYS I 45 -22.21 55.51 25.11
CA LEU I 46 -25.61 53.82 24.97
CA LEU I 47 -28.52 55.69 26.58
CA ILE I 48 -31.97 54.94 25.12
CA TYR I 49 -33.35 52.48 22.64
CA ASP I 50 -36.74 53.19 21.02
CA ALA I 51 -36.72 56.93 22.00
CA SER I 52 -38.79 56.39 25.15
CA ASN I 53 -37.43 53.17 26.64
CA LEU I 54 -34.78 53.21 29.36
CA LYS I 55 -31.91 50.96 28.41
CA THR I 56 -30.64 48.91 31.32
CA GLY I 57 -27.50 50.20 32.97
CA VAL I 58 -28.42 53.77 31.98
CA PRO I 59 -29.06 56.40 34.70
CA SER I 60 -32.59 57.60 35.33
CA ARG I 61 -31.46 61.17 34.84
CA PHE I 62 -31.67 60.16 31.17
CA SER I 63 -35.13 59.55 29.79
CA GLY I 64 -36.68 59.45 26.37
CA SER I 65 -40.16 60.48 25.27
CA GLY I 66 -42.27 60.99 22.19
CA SER I 67 -43.86 58.68 19.63
CA GLY I 68 -45.12 60.35 16.46
CA THR I 69 -42.58 62.87 15.19
CA ASP I 70 -41.22 64.84 18.18
CA PHE I 71 -39.03 63.22 20.77
CA THR I 72 -37.91 64.48 24.15
CA PHE I 73 -34.59 63.73 25.77
CA THR I 74 -34.11 64.52 29.43
CA ILE I 75 -31.16 64.54 31.83
CA SER I 76 -32.09 65.33 35.40
CA SER I 77 -28.53 66.41 36.25
CA LEU I 78 -25.55 67.36 34.11
CA GLN I 79 -22.35 65.89 35.57
CA PRO I 80 -18.64 66.34 34.78
CA GLU I 81 -18.92 62.83 33.37
CA ASP I 82 -22.07 63.87 31.46
CA VAL I 83 -20.02 66.14 29.20
CA ALA I 84 -21.33 64.37 26.12
CA THR I 85 -22.64 64.86 22.60
CA TYR I 86 -26.18 63.55 22.96
CA TYR I 87 -27.25 62.12 19.59
CA CYS I 88 -30.29 60.27 18.39
CA GLN I 89 -30.91 57.81 15.58
CA GLN I 90 -33.80 57.44 13.23
CA PHE I 91 -34.10 53.76 12.63
CA ASP I 92 -37.29 53.73 10.56
CA ASP I 93 -37.35 51.97 7.17
CA LEU I 94 -33.48 51.99 7.26
CA PRO I 95 -32.34 55.18 5.66
CA ILE I 96 -30.37 55.10 8.90
CA THR I 97 -30.38 58.70 9.99
CA PHE I 98 -28.45 60.02 12.97
CA GLY I 99 -29.18 63.00 15.14
CA GLN I 100 -26.92 65.99 15.15
CA GLY I 101 -25.90 65.51 18.76
CA THR I 102 -25.98 68.09 21.48
CA ARG I 103 -22.92 68.72 23.61
CA LEU I 104 -22.80 69.81 27.23
CA GLN I 105 -19.63 70.73 29.13
CA ILE I 106 -17.98 71.44 32.48
CA LYS I 107 -17.93 75.01 33.75
#